data_2Y08
#
_entry.id   2Y08
#
_cell.length_a   64.378
_cell.length_b   129.558
_cell.length_c   134.585
_cell.angle_alpha   90.00
_cell.angle_beta   90.00
_cell.angle_gamma   90.00
#
_symmetry.space_group_name_H-M   'P 21 21 21'
#
loop_
_entity.id
_entity.type
_entity.pdbx_description
1 polymer TAML
2 non-polymer 'FLAVIN-ADENINE DINUCLEOTIDE'
3 non-polymer 'MAGNESIUM ION'
4 non-polymer GLYCEROL
5 non-polymer 'CHLORIDE ION'
6 water water
#
_entity_poly.entity_id   1
_entity_poly.type   'polypeptide(L)'
_entity_poly.pdbx_seq_one_letter_code
;MGSHHHHHHHHGSDYDIPTTENLYFQGSEFMKHIDSVAPGDIRYEDLRRGENLRFVGDPEEIHLVGSAAEIEQVLSRAVR
SGKRVAVRSGGHCYEDFVANSDVRVVMDMSRLSAVGFDEERGAFAVEAGATLGAVYKTLFRVWGVTLPGGACPDVGAGGH
ILGGGYGPLSRMHGSIVDYLHAVEVVVVDASGDARTVIATREPSDPNHDLWWAHTGGGGGNFGVVVRYWLRTAEADVPPE
PGRLLPRPPAEVLLNTTVWPWEGLDEAAFARLVRNHGRWFEQNSGPDSPWCDLYSVLALTRSQSGALAMTTQLDATGPDA
EKRLETYLAAVSEGVGVQPHSDTRRLPWLHSTRWPGIAGDGDMTGRAKIKAAYARRSFDDRQIGTLYTRLTSTDYDNPAG
VVALIAYGGKVNAVPADRTAVAQRDSILKIVYVTTWEDPAQDPVHVRWIRELYRDVYADTGGVPVPGGAADGAYVNYPDV
DLADEEWNTSGVPWSELYYKDAYPRLQAVKARWDPRNVFRHALSVRVPPA
;
_entity_poly.pdbx_strand_id   A,B
#
loop_
_chem_comp.id
_chem_comp.type
_chem_comp.name
_chem_comp.formula
CL non-polymer 'CHLORIDE ION' 'Cl -1'
FAD non-polymer 'FLAVIN-ADENINE DINUCLEOTIDE' 'C27 H33 N9 O15 P2'
GOL non-polymer GLYCEROL 'C3 H8 O3'
MG non-polymer 'MAGNESIUM ION' 'Mg 2'
#
# COMPACT_ATOMS: atom_id res chain seq x y z
N HIS A 33 12.82 -16.17 17.05
CA HIS A 33 14.16 -16.88 16.86
C HIS A 33 14.26 -18.03 15.79
N ILE A 34 14.48 -17.70 14.50
CA ILE A 34 14.21 -18.70 13.37
C ILE A 34 15.37 -18.86 12.37
N ASP A 35 15.30 -19.83 11.45
CA ASP A 35 16.43 -20.06 10.50
C ASP A 35 16.73 -18.83 9.66
N SER A 36 18.02 -18.58 9.40
CA SER A 36 18.33 -17.47 8.55
C SER A 36 18.09 -17.87 7.06
N VAL A 37 18.08 -16.88 6.16
CA VAL A 37 17.85 -17.11 4.72
C VAL A 37 19.17 -17.02 3.98
N ALA A 38 19.48 -18.08 3.21
CA ALA A 38 20.76 -18.20 2.49
C ALA A 38 20.47 -18.46 1.02
N PRO A 39 21.48 -18.28 0.15
CA PRO A 39 21.24 -18.67 -1.27
C PRO A 39 20.62 -20.07 -1.38
N GLY A 40 19.62 -20.18 -2.26
CA GLY A 40 18.92 -21.44 -2.43
C GLY A 40 17.52 -21.42 -1.76
N ASP A 41 17.35 -20.55 -0.77
CA ASP A 41 16.08 -20.46 -0.07
C ASP A 41 15.09 -19.76 -1.01
N ILE A 42 13.79 -20.16 -0.99
CA ILE A 42 12.82 -19.54 -1.84
C ILE A 42 12.72 -18.02 -1.62
N ARG A 43 13.11 -17.60 -0.43
CA ARG A 43 12.96 -16.15 -0.08
C ARG A 43 14.20 -15.32 -0.44
N TYR A 44 15.26 -15.96 -0.93
CA TYR A 44 16.53 -15.20 -1.09
C TYR A 44 16.47 -14.07 -2.16
N GLU A 45 15.86 -14.31 -3.34
CA GLU A 45 15.74 -13.26 -4.37
C GLU A 45 14.99 -12.03 -3.84
N ASP A 46 13.93 -12.25 -3.05
CA ASP A 46 13.24 -11.08 -2.42
C ASP A 46 14.11 -10.36 -1.33
N LEU A 47 14.73 -11.14 -0.45
CA LEU A 47 15.34 -10.62 0.76
C LEU A 47 16.76 -10.13 0.49
N ARG A 48 17.32 -10.47 -0.65
CA ARG A 48 18.67 -9.91 -0.98
C ARG A 48 18.58 -8.52 -1.59
N ARG A 49 17.36 -8.06 -1.82
CA ARG A 49 17.07 -6.74 -2.33
C ARG A 49 16.30 -5.95 -1.28
N GLY A 50 16.33 -4.62 -1.44
CA GLY A 50 15.35 -3.71 -0.83
C GLY A 50 14.30 -3.40 -1.91
N GLU A 51 13.75 -2.20 -1.91
CA GLU A 51 12.74 -1.80 -2.90
C GLU A 51 13.41 -1.12 -4.08
N ASN A 52 14.67 -0.65 -3.95
CA ASN A 52 15.32 -0.05 -5.10
C ASN A 52 15.98 -1.16 -5.94
N LEU A 53 15.45 -1.46 -7.10
CA LEU A 53 15.90 -2.63 -7.88
C LEU A 53 17.26 -2.43 -8.55
N ARG A 54 17.86 -1.23 -8.46
CA ARG A 54 19.24 -1.06 -9.00
C ARG A 54 20.26 -1.87 -8.20
N PHE A 55 19.93 -2.23 -6.97
CA PHE A 55 20.93 -2.83 -6.09
C PHE A 55 20.57 -4.22 -5.65
N VAL A 56 21.45 -5.17 -5.96
CA VAL A 56 21.16 -6.56 -5.64
C VAL A 56 22.25 -7.06 -4.73
N GLY A 57 21.92 -7.40 -3.50
CA GLY A 57 22.90 -7.81 -2.51
C GLY A 57 23.43 -9.23 -2.77
N ASP A 58 24.58 -9.53 -2.18
CA ASP A 58 25.06 -10.88 -2.09
C ASP A 58 25.27 -11.38 -0.65
N PRO A 59 24.33 -11.19 0.29
CA PRO A 59 24.67 -11.62 1.63
C PRO A 59 24.67 -13.15 1.76
N GLU A 60 25.48 -13.68 2.66
CA GLU A 60 25.57 -15.13 2.94
C GLU A 60 24.33 -15.52 3.74
N GLU A 61 23.87 -14.62 4.64
CA GLU A 61 22.69 -14.91 5.47
C GLU A 61 21.87 -13.63 5.66
N ILE A 62 20.55 -13.81 5.67
CA ILE A 62 19.67 -12.72 6.08
C ILE A 62 18.93 -13.23 7.27
N HIS A 63 19.01 -12.49 8.36
CA HIS A 63 18.42 -12.94 9.62
C HIS A 63 17.14 -12.15 9.89
N LEU A 64 16.03 -12.88 10.04
CA LEU A 64 14.75 -12.21 10.31
C LEU A 64 14.71 -12.07 11.84
N VAL A 65 15.36 -11.02 12.38
CA VAL A 65 15.57 -10.96 13.84
C VAL A 65 14.26 -10.65 14.59
N GLY A 66 14.11 -11.18 15.81
CA GLY A 66 12.85 -11.05 16.52
C GLY A 66 12.93 -10.23 17.80
N SER A 67 14.14 -9.82 18.20
CA SER A 67 14.32 -9.15 19.48
C SER A 67 15.72 -8.51 19.55
N ALA A 68 15.85 -7.57 20.48
CA ALA A 68 17.19 -6.97 20.75
C ALA A 68 18.23 -8.09 21.06
N ALA A 69 17.83 -9.11 21.86
CA ALA A 69 18.73 -10.18 22.29
C ALA A 69 19.23 -10.94 21.03
N GLU A 70 18.34 -11.20 20.08
CA GLU A 70 18.74 -11.92 18.86
C GLU A 70 19.73 -11.08 18.02
N ILE A 71 19.42 -9.79 17.92
CA ILE A 71 20.27 -8.83 17.19
C ILE A 71 21.65 -8.81 17.88
N GLU A 72 21.69 -8.79 19.22
CA GLU A 72 23.00 -8.92 19.87
C GLU A 72 23.79 -10.15 19.44
N GLN A 73 23.16 -11.32 19.37
N GLN A 73 23.13 -11.30 19.34
CA GLN A 73 23.89 -12.54 19.07
CA GLN A 73 23.77 -12.56 19.02
C GLN A 73 24.31 -12.57 17.57
C GLN A 73 24.30 -12.51 17.58
N VAL A 74 23.44 -12.11 16.66
CA VAL A 74 23.84 -11.99 15.21
C VAL A 74 25.04 -11.03 15.07
N LEU A 75 24.93 -9.84 15.65
CA LEU A 75 25.99 -8.84 15.47
C LEU A 75 27.26 -9.35 16.10
N SER A 76 27.19 -9.93 17.29
N SER A 76 27.16 -9.93 17.29
CA SER A 76 28.45 -10.33 17.95
CA SER A 76 28.38 -10.39 17.97
C SER A 76 29.12 -11.48 17.19
C SER A 76 29.09 -11.44 17.15
N ARG A 77 28.33 -12.42 16.63
CA ARG A 77 28.90 -13.48 15.81
C ARG A 77 29.56 -12.90 14.52
N ALA A 78 28.93 -11.93 13.89
CA ALA A 78 29.46 -11.38 12.67
C ALA A 78 30.73 -10.60 12.99
N VAL A 79 30.70 -9.82 14.09
CA VAL A 79 31.92 -9.07 14.50
C VAL A 79 33.11 -10.05 14.82
N ARG A 80 32.84 -11.14 15.55
CA ARG A 80 33.87 -12.13 15.85
C ARG A 80 34.48 -12.70 14.57
N SER A 81 33.64 -12.95 13.56
CA SER A 81 34.04 -13.52 12.27
C SER A 81 34.69 -12.51 11.33
N GLY A 82 34.55 -11.22 11.61
CA GLY A 82 34.97 -10.14 10.66
C GLY A 82 34.05 -9.90 9.50
N LYS A 83 32.79 -10.33 9.62
CA LYS A 83 31.82 -10.18 8.53
C LYS A 83 31.07 -8.85 8.52
N ARG A 84 30.97 -8.22 7.36
CA ARG A 84 30.34 -6.93 7.19
C ARG A 84 28.82 -7.08 7.35
N VAL A 85 28.22 -6.21 8.17
CA VAL A 85 26.74 -6.34 8.41
C VAL A 85 25.98 -5.13 7.87
N ALA A 86 24.67 -5.26 7.64
CA ALA A 86 23.87 -4.08 7.42
C ALA A 86 22.44 -4.42 7.88
N VAL A 87 21.66 -3.36 8.14
N VAL A 87 21.65 -3.39 8.17
CA VAL A 87 20.25 -3.52 8.59
CA VAL A 87 20.24 -3.63 8.57
C VAL A 87 19.28 -3.16 7.48
C VAL A 87 19.29 -3.19 7.48
N ARG A 88 18.23 -3.96 7.30
CA ARG A 88 17.16 -3.53 6.37
C ARG A 88 15.86 -3.45 7.15
N SER A 89 15.21 -2.29 7.10
CA SER A 89 13.85 -2.14 7.67
C SER A 89 12.87 -2.11 6.51
N GLY A 90 12.52 -0.92 6.05
CA GLY A 90 11.52 -0.77 4.94
C GLY A 90 12.11 -1.03 3.54
N GLY A 91 13.45 -1.12 3.41
CA GLY A 91 14.05 -1.31 2.10
C GLY A 91 14.04 -0.13 1.14
N HIS A 92 13.70 1.10 1.59
CA HIS A 92 13.60 2.21 0.65
C HIS A 92 14.89 2.98 0.33
N CYS A 93 16.03 2.50 0.81
CA CYS A 93 17.31 3.26 0.58
C CYS A 93 17.52 3.56 -0.91
N TYR A 94 17.75 4.84 -1.20
CA TYR A 94 18.00 5.26 -2.60
C TYR A 94 19.40 4.90 -3.10
N GLU A 95 20.28 4.46 -2.19
CA GLU A 95 21.62 4.09 -2.57
C GLU A 95 21.88 2.65 -2.15
N ASP A 96 23.10 2.19 -2.44
CA ASP A 96 23.46 0.76 -2.23
C ASP A 96 23.90 0.43 -0.80
N PHE A 97 23.48 1.24 0.17
CA PHE A 97 24.01 1.10 1.54
C PHE A 97 23.80 -0.27 2.18
N VAL A 98 22.68 -0.91 1.88
CA VAL A 98 22.38 -2.26 2.43
C VAL A 98 22.75 -3.36 1.46
N ALA A 99 22.46 -3.13 0.17
CA ALA A 99 22.64 -4.19 -0.85
C ALA A 99 24.08 -4.18 -1.50
N ASN A 100 24.98 -3.28 -1.08
CA ASN A 100 26.42 -3.30 -1.46
C ASN A 100 26.91 -4.78 -1.45
N SER A 101 27.61 -5.23 -2.49
CA SER A 101 28.08 -6.61 -2.56
C SER A 101 29.04 -7.03 -1.41
N ASP A 102 29.65 -6.05 -0.73
CA ASP A 102 30.52 -6.32 0.42
C ASP A 102 29.75 -6.76 1.65
N VAL A 103 28.44 -6.46 1.76
CA VAL A 103 27.68 -6.85 2.98
C VAL A 103 27.47 -8.36 3.02
N ARG A 104 27.94 -8.99 4.09
CA ARG A 104 27.79 -10.46 4.24
C ARG A 104 26.55 -10.91 4.97
N VAL A 105 26.11 -10.10 5.93
CA VAL A 105 25.03 -10.52 6.86
C VAL A 105 24.06 -9.39 6.95
N VAL A 106 22.78 -9.65 6.63
CA VAL A 106 21.77 -8.63 6.75
C VAL A 106 20.90 -8.97 7.96
N MET A 107 20.56 -7.95 8.76
CA MET A 107 19.52 -8.11 9.77
C MET A 107 18.29 -7.45 9.20
N ASP A 108 17.25 -8.24 8.93
CA ASP A 108 16.04 -7.75 8.32
C ASP A 108 15.03 -7.62 9.49
N MET A 109 14.40 -6.45 9.59
CA MET A 109 13.55 -6.05 10.74
C MET A 109 12.08 -6.41 10.57
N SER A 110 11.74 -7.24 9.58
CA SER A 110 10.28 -7.48 9.26
C SER A 110 9.40 -8.00 10.40
N ARG A 111 9.94 -8.79 11.33
CA ARG A 111 9.16 -9.31 12.43
C ARG A 111 8.91 -8.28 13.50
N LEU A 112 9.70 -7.19 13.49
CA LEU A 112 9.60 -6.18 14.52
C LEU A 112 8.79 -5.01 13.95
N SER A 113 7.46 -5.18 13.91
CA SER A 113 6.67 -4.15 13.27
C SER A 113 5.55 -3.61 14.14
N ALA A 114 5.69 -3.76 15.47
CA ALA A 114 4.67 -3.31 16.42
C ALA A 114 4.60 -1.81 16.48
N VAL A 115 3.41 -1.28 16.68
CA VAL A 115 3.16 0.15 16.96
C VAL A 115 2.17 0.24 18.10
N GLY A 116 2.44 1.01 19.14
CA GLY A 116 1.48 1.01 20.26
C GLY A 116 1.90 2.04 21.27
N PHE A 117 1.16 2.12 22.38
CA PHE A 117 1.48 3.10 23.38
C PHE A 117 2.12 2.40 24.57
N ASP A 118 3.32 2.88 24.99
CA ASP A 118 4.07 2.26 26.08
C ASP A 118 3.68 3.04 27.34
N GLU A 119 2.76 2.48 28.17
CA GLU A 119 2.24 3.15 29.36
C GLU A 119 3.35 3.37 30.31
N GLU A 120 4.34 2.47 30.34
CA GLU A 120 5.39 2.57 31.34
C GLU A 120 6.21 3.82 31.05
N ARG A 121 6.58 4.02 29.78
CA ARG A 121 7.42 5.15 29.39
C ARG A 121 6.59 6.39 29.08
N GLY A 122 5.27 6.27 28.92
CA GLY A 122 4.47 7.44 28.56
C GLY A 122 4.74 7.98 27.15
N ALA A 123 4.98 7.07 26.22
CA ALA A 123 5.28 7.45 24.85
C ALA A 123 4.88 6.30 23.87
N PHE A 124 4.72 6.63 22.59
CA PHE A 124 4.40 5.66 21.57
C PHE A 124 5.64 4.92 21.11
N ALA A 125 5.60 3.58 21.12
CA ALA A 125 6.77 2.76 20.69
C ALA A 125 6.49 2.35 19.25
N VAL A 126 7.44 2.59 18.34
CA VAL A 126 7.31 2.23 16.92
C VAL A 126 8.52 1.37 16.61
N GLU A 127 8.31 0.09 16.34
CA GLU A 127 9.48 -0.83 16.09
C GLU A 127 9.97 -0.58 14.67
N ALA A 128 11.23 -0.88 14.41
CA ALA A 128 11.91 -0.46 13.19
C ALA A 128 11.29 -1.01 11.92
N GLY A 129 10.73 -2.23 12.01
CA GLY A 129 10.13 -2.86 10.79
C GLY A 129 8.72 -2.35 10.44
N ALA A 130 8.13 -1.49 11.31
CA ALA A 130 6.75 -0.90 11.02
C ALA A 130 6.84 0.05 9.81
N THR A 131 5.99 -0.16 8.81
CA THR A 131 5.85 0.79 7.73
C THR A 131 5.12 2.06 8.17
N LEU A 132 5.40 3.17 7.51
CA LEU A 132 4.71 4.42 7.85
C LEU A 132 3.20 4.33 7.67
N GLY A 133 2.72 3.60 6.65
CA GLY A 133 1.27 3.41 6.48
C GLY A 133 0.66 2.73 7.74
N ALA A 134 1.34 1.71 8.28
CA ALA A 134 0.83 1.03 9.50
C ALA A 134 0.92 1.94 10.72
N VAL A 135 2.03 2.70 10.81
CA VAL A 135 2.11 3.67 11.88
C VAL A 135 0.95 4.69 11.86
N TYR A 136 0.64 5.24 10.68
CA TYR A 136 -0.36 6.31 10.63
C TYR A 136 -1.72 5.70 10.89
N LYS A 137 -1.94 4.50 10.35
CA LYS A 137 -3.27 3.86 10.53
C LYS A 137 -3.50 3.55 12.01
N THR A 138 -2.50 2.96 12.68
CA THR A 138 -2.66 2.58 14.09
C THR A 138 -2.77 3.81 14.97
N LEU A 139 -1.82 4.76 14.83
CA LEU A 139 -1.84 5.94 15.71
C LEU A 139 -3.14 6.71 15.53
N PHE A 140 -3.62 6.83 14.29
CA PHE A 140 -4.82 7.66 14.05
C PHE A 140 -6.13 6.93 14.44
N ARG A 141 -6.32 5.73 13.90
CA ARG A 141 -7.57 4.99 14.23
C ARG A 141 -7.69 4.72 15.75
N VAL A 142 -6.57 4.40 16.39
CA VAL A 142 -6.60 4.03 17.80
C VAL A 142 -6.61 5.22 18.74
N TRP A 143 -5.77 6.22 18.48
CA TRP A 143 -5.69 7.33 19.40
C TRP A 143 -6.00 8.69 18.81
N GLY A 144 -6.23 8.78 17.51
CA GLY A 144 -6.54 10.10 16.93
C GLY A 144 -5.33 11.03 16.77
N VAL A 145 -4.12 10.45 16.82
CA VAL A 145 -2.88 11.26 16.65
C VAL A 145 -2.04 10.80 15.42
N THR A 146 -0.96 11.52 15.11
CA THR A 146 -0.08 11.17 14.03
C THR A 146 1.34 11.70 14.33
N LEU A 147 2.21 11.47 13.36
CA LEU A 147 3.58 12.01 13.31
C LEU A 147 3.78 12.63 11.95
N PRO A 148 4.53 13.74 11.87
CA PRO A 148 4.73 14.45 10.62
C PRO A 148 5.92 13.80 9.86
N GLY A 149 5.78 12.51 9.62
CA GLY A 149 6.73 11.73 8.80
C GLY A 149 6.43 11.78 7.32
N GLY A 150 7.09 10.91 6.57
CA GLY A 150 6.93 10.92 5.15
C GLY A 150 5.59 10.44 4.60
N ALA A 151 5.43 10.65 3.29
CA ALA A 151 4.14 10.41 2.65
C ALA A 151 4.01 9.02 2.01
N CYS A 152 5.13 8.35 1.76
CA CYS A 152 5.06 7.02 1.11
C CYS A 152 4.70 5.99 2.19
N PRO A 153 3.56 5.30 2.07
CA PRO A 153 3.17 4.35 3.13
C PRO A 153 4.09 3.17 3.38
N ASP A 154 4.86 2.73 2.38
CA ASP A 154 5.68 1.52 2.55
C ASP A 154 7.09 1.76 3.11
N VAL A 155 7.45 3.01 3.29
CA VAL A 155 8.72 3.36 3.95
C VAL A 155 8.76 2.78 5.35
N GLY A 156 9.92 2.22 5.76
CA GLY A 156 10.10 1.62 7.09
C GLY A 156 10.41 2.74 8.09
N ALA A 157 9.93 2.61 9.31
CA ALA A 157 10.28 3.54 10.37
C ALA A 157 11.77 3.45 10.61
N GLY A 158 12.31 2.20 10.55
CA GLY A 158 13.69 1.92 10.97
C GLY A 158 14.71 2.84 10.27
N GLY A 159 14.67 2.92 8.92
CA GLY A 159 15.67 3.81 8.23
C GLY A 159 15.20 5.19 7.96
N HIS A 160 13.97 5.55 8.38
CA HIS A 160 13.38 6.87 8.09
C HIS A 160 13.50 7.80 9.27
N ILE A 161 13.05 7.38 10.45
CA ILE A 161 12.85 8.35 11.56
C ILE A 161 14.21 8.98 11.95
N LEU A 162 15.23 8.14 12.01
CA LEU A 162 16.54 8.63 12.47
C LEU A 162 17.24 9.60 11.48
N GLY A 163 16.74 9.65 10.23
CA GLY A 163 17.29 10.60 9.25
C GLY A 163 16.48 11.86 9.12
N GLY A 164 15.43 12.05 9.93
CA GLY A 164 14.62 13.26 9.80
C GLY A 164 13.59 13.14 8.70
N GLY A 165 13.69 13.96 7.70
CA GLY A 165 12.78 13.73 6.53
C GLY A 165 11.70 14.80 6.40
N TYR A 166 10.78 14.66 5.42
CA TYR A 166 9.72 15.65 5.27
C TYR A 166 8.42 14.84 5.12
N GLY A 167 7.31 15.52 5.36
CA GLY A 167 5.99 14.99 4.93
C GLY A 167 4.97 16.10 4.84
N PRO A 168 3.72 15.73 4.56
CA PRO A 168 2.73 16.77 4.33
C PRO A 168 2.55 17.61 5.59
N LEU A 169 2.75 17.03 6.78
CA LEU A 169 2.47 17.80 8.01
C LEU A 169 3.72 18.45 8.65
N SER A 170 4.86 18.42 7.95
CA SER A 170 6.11 19.07 8.50
C SER A 170 5.84 20.56 8.85
N ARG A 171 5.20 21.27 7.94
CA ARG A 171 4.93 22.69 8.19
C ARG A 171 4.05 22.90 9.38
N MET A 172 3.13 21.96 9.66
CA MET A 172 2.13 22.15 10.72
C MET A 172 2.67 21.74 12.07
N HIS A 173 3.43 20.65 12.09
CA HIS A 173 3.88 20.01 13.33
C HIS A 173 5.41 19.92 13.58
N GLY A 174 6.22 20.27 12.58
CA GLY A 174 7.66 20.30 12.74
C GLY A 174 8.19 18.97 12.18
N SER A 175 9.45 18.69 12.41
CA SER A 175 10.04 17.47 11.89
C SER A 175 9.67 16.30 12.81
N ILE A 176 9.68 15.09 12.23
CA ILE A 176 9.41 13.91 13.04
C ILE A 176 10.41 13.77 14.19
N VAL A 177 11.67 14.19 13.97
CA VAL A 177 12.66 14.07 15.01
C VAL A 177 12.36 14.94 16.22
N ASP A 178 11.53 15.98 16.07
CA ASP A 178 11.14 16.79 17.19
C ASP A 178 10.25 16.05 18.18
N TYR A 179 9.81 14.85 17.76
CA TYR A 179 9.01 13.95 18.60
C TYR A 179 9.74 12.77 19.21
N LEU A 180 11.06 12.66 18.95
CA LEU A 180 11.78 11.49 19.43
C LEU A 180 12.11 11.66 20.89
N HIS A 181 11.50 10.82 21.73
CA HIS A 181 11.66 10.86 23.15
C HIS A 181 12.78 9.93 23.61
N ALA A 182 12.93 8.81 22.90
CA ALA A 182 13.93 7.77 23.28
C ALA A 182 14.10 6.78 22.13
N VAL A 183 15.20 6.01 22.19
CA VAL A 183 15.54 5.08 21.11
C VAL A 183 16.23 3.91 21.75
N GLU A 184 15.88 2.71 21.31
CA GLU A 184 16.54 1.49 21.78
C GLU A 184 17.45 1.03 20.63
N VAL A 185 18.76 0.86 20.89
N VAL A 185 18.78 0.91 20.90
CA VAL A 185 19.70 0.61 19.79
CA VAL A 185 19.78 0.68 19.85
C VAL A 185 20.74 -0.39 20.25
C VAL A 185 20.74 -0.42 20.28
N VAL A 186 21.07 -1.34 19.37
CA VAL A 186 22.06 -2.36 19.69
C VAL A 186 23.39 -1.82 19.13
N VAL A 187 24.42 -1.78 19.99
CA VAL A 187 25.69 -1.09 19.60
C VAL A 187 26.79 -2.08 19.84
N VAL A 188 27.99 -1.81 19.26
CA VAL A 188 29.10 -2.74 19.42
C VAL A 188 30.22 -1.93 20.06
N ASP A 189 30.67 -2.36 21.24
N ASP A 189 30.66 -2.41 21.23
CA ASP A 189 31.77 -1.68 21.93
CA ASP A 189 31.75 -1.83 22.01
C ASP A 189 33.15 -2.07 21.37
C ASP A 189 33.14 -2.07 21.35
N ALA A 190 34.17 -1.41 21.91
CA ALA A 190 35.53 -1.58 21.38
C ALA A 190 35.98 -3.03 21.39
N SER A 191 35.55 -3.79 22.41
CA SER A 191 35.87 -5.24 22.53
C SER A 191 35.28 -6.12 21.47
N GLY A 192 34.21 -5.65 20.78
CA GLY A 192 33.51 -6.45 19.80
C GLY A 192 32.23 -7.00 20.39
N ASP A 193 31.96 -6.75 21.66
CA ASP A 193 30.70 -7.24 22.24
C ASP A 193 29.54 -6.34 21.89
N ALA A 194 28.39 -6.96 21.58
CA ALA A 194 27.15 -6.18 21.31
C ALA A 194 26.34 -5.97 22.58
N ARG A 195 25.67 -4.84 22.71
N ARG A 195 25.70 -4.82 22.74
CA ARG A 195 24.77 -4.65 23.85
CA ARG A 195 24.81 -4.62 23.88
C ARG A 195 23.68 -3.71 23.42
C ARG A 195 23.70 -3.67 23.46
N THR A 196 22.59 -3.66 24.18
CA THR A 196 21.46 -2.86 23.81
C THR A 196 21.41 -1.72 24.77
N VAL A 197 21.27 -0.50 24.27
N VAL A 197 21.21 -0.51 24.23
CA VAL A 197 21.10 0.66 25.19
CA VAL A 197 21.12 0.72 25.03
C VAL A 197 19.81 1.39 24.82
C VAL A 197 19.79 1.43 24.77
N ILE A 198 19.22 2.05 25.82
CA ILE A 198 18.10 2.94 25.64
C ILE A 198 18.60 4.34 25.91
N ALA A 199 18.50 5.17 24.88
CA ALA A 199 19.04 6.52 24.97
C ALA A 199 17.87 7.54 24.89
N THR A 200 17.88 8.57 25.74
CA THR A 200 16.73 9.46 25.78
C THR A 200 17.05 10.93 25.62
N ARG A 201 15.96 11.69 25.42
CA ARG A 201 15.98 13.11 25.23
C ARG A 201 16.41 13.90 26.54
N GLU A 202 16.55 13.21 27.67
CA GLU A 202 16.89 13.89 29.01
C GLU A 202 18.40 14.22 28.97
N PRO A 203 18.78 15.50 29.13
CA PRO A 203 20.25 15.77 28.86
C PRO A 203 21.23 15.12 29.83
N SER A 204 20.80 14.81 31.06
CA SER A 204 21.69 14.07 31.99
C SER A 204 21.74 12.54 31.76
N ASP A 205 20.99 12.02 30.77
CA ASP A 205 21.08 10.60 30.44
C ASP A 205 22.54 10.35 29.93
N PRO A 206 23.23 9.37 30.50
CA PRO A 206 24.62 9.06 30.06
C PRO A 206 24.64 8.83 28.53
N ASN A 207 23.51 8.32 27.94
CA ASN A 207 23.46 8.05 26.49
C ASN A 207 22.78 9.13 25.70
N HIS A 208 22.65 10.32 26.28
CA HIS A 208 21.93 11.42 25.65
C HIS A 208 22.46 11.76 24.27
N ASP A 209 23.79 11.84 24.08
CA ASP A 209 24.30 12.15 22.74
C ASP A 209 23.96 11.07 21.71
N LEU A 210 23.85 9.84 22.15
CA LEU A 210 23.46 8.75 21.19
C LEU A 210 21.99 8.96 20.75
N TRP A 211 21.13 9.35 21.70
CA TRP A 211 19.74 9.71 21.33
C TRP A 211 19.79 10.89 20.35
N TRP A 212 20.59 11.93 20.64
CA TRP A 212 20.66 13.13 19.76
C TRP A 212 21.07 12.74 18.32
N ALA A 213 22.02 11.82 18.17
CA ALA A 213 22.41 11.34 16.81
C ALA A 213 21.26 10.69 16.00
N HIS A 214 20.27 10.16 16.72
CA HIS A 214 19.06 9.58 16.09
C HIS A 214 18.02 10.62 15.75
N THR A 215 18.33 11.89 15.96
CA THR A 215 17.47 13.00 15.53
C THR A 215 17.90 13.62 14.21
N GLY A 216 18.29 12.77 13.26
CA GLY A 216 18.72 13.26 11.95
C GLY A 216 20.05 12.69 11.47
N GLY A 217 20.72 11.88 12.30
CA GLY A 217 22.04 11.22 11.94
C GLY A 217 21.92 10.33 10.71
N GLY A 218 20.76 9.71 10.54
CA GLY A 218 20.55 8.86 9.34
C GLY A 218 20.91 7.39 9.63
N GLY A 219 20.32 6.50 8.81
CA GLY A 219 20.47 5.07 8.99
C GLY A 219 21.91 4.57 8.71
N GLY A 220 22.23 3.42 9.29
CA GLY A 220 23.46 2.61 8.90
C GLY A 220 24.75 3.14 9.50
N ASN A 221 24.63 3.97 10.55
CA ASN A 221 25.79 4.73 11.15
C ASN A 221 26.18 4.30 12.56
N PHE A 222 25.21 4.10 13.46
CA PHE A 222 25.53 4.04 14.89
C PHE A 222 25.23 2.70 15.52
N GLY A 223 24.27 1.92 14.94
CA GLY A 223 23.95 0.69 15.61
C GLY A 223 22.59 0.30 15.08
N VAL A 224 22.01 -0.78 15.62
CA VAL A 224 20.73 -1.28 15.05
C VAL A 224 19.58 -0.71 15.93
N VAL A 225 18.76 0.19 15.38
CA VAL A 225 17.59 0.68 16.12
C VAL A 225 16.57 -0.44 16.17
N VAL A 226 16.18 -0.79 17.38
CA VAL A 226 15.10 -1.80 17.56
C VAL A 226 13.73 -1.10 17.52
N ARG A 227 13.63 -0.03 18.28
CA ARG A 227 12.39 0.73 18.34
C ARG A 227 12.66 2.16 18.75
N TYR A 228 11.74 3.02 18.33
CA TYR A 228 11.73 4.46 18.72
C TYR A 228 10.59 4.68 19.66
N TRP A 229 10.76 5.63 20.58
CA TRP A 229 9.60 6.13 21.35
C TRP A 229 9.37 7.57 21.04
N LEU A 230 8.11 7.91 20.75
CA LEU A 230 7.76 9.27 20.27
C LEU A 230 6.70 9.89 21.17
N ARG A 231 6.87 11.18 21.42
CA ARG A 231 5.98 11.91 22.34
C ARG A 231 6.30 13.38 22.10
N THR A 232 5.33 14.27 22.34
CA THR A 232 5.57 15.69 22.35
C THR A 232 6.56 16.08 23.46
N ALA A 233 7.37 17.11 23.22
CA ALA A 233 8.29 17.59 24.26
C ALA A 233 7.61 18.60 25.20
N GLU A 234 6.34 18.93 24.99
CA GLU A 234 5.66 19.95 25.86
C GLU A 234 5.54 19.48 27.29
N ALA A 235 5.75 20.41 28.23
CA ALA A 235 5.67 20.16 29.71
C ALA A 235 4.24 20.09 30.31
N ASP A 236 3.35 20.92 29.77
CA ASP A 236 1.93 20.93 30.16
C ASP A 236 1.27 19.52 30.47
N VAL A 237 1.47 18.60 29.51
CA VAL A 237 0.52 17.54 29.09
C VAL A 237 0.09 16.43 30.09
N PRO A 238 -1.25 16.29 30.35
CA PRO A 238 -1.72 15.08 31.07
C PRO A 238 -1.28 13.83 30.30
N PRO A 239 -0.99 12.72 31.00
CA PRO A 239 -0.27 11.67 30.28
C PRO A 239 -1.17 10.69 29.51
N GLU A 240 -2.24 11.22 28.94
N GLU A 240 -2.21 11.25 28.90
CA GLU A 240 -3.15 10.39 28.15
CA GLU A 240 -3.17 10.50 28.11
C GLU A 240 -2.64 10.26 26.71
C GLU A 240 -2.63 10.28 26.67
N PRO A 241 -2.66 9.03 26.17
CA PRO A 241 -2.07 8.89 24.84
C PRO A 241 -2.61 9.87 23.78
N GLY A 242 -3.92 10.21 23.78
CA GLY A 242 -4.42 11.05 22.73
C GLY A 242 -3.97 12.47 22.76
N ARG A 243 -3.25 12.82 23.84
CA ARG A 243 -2.76 14.19 24.10
C ARG A 243 -1.25 14.27 23.84
N LEU A 244 -0.62 13.12 23.53
CA LEU A 244 0.83 13.04 23.65
C LEU A 244 1.57 13.06 22.30
N LEU A 245 0.78 13.12 21.22
CA LEU A 245 1.30 13.34 19.84
C LEU A 245 0.39 14.30 19.10
N PRO A 246 0.89 14.93 18.02
CA PRO A 246 0.03 15.95 17.37
C PRO A 246 -1.21 15.35 16.71
N ARG A 247 -2.28 16.13 16.61
CA ARG A 247 -3.51 15.74 15.88
C ARG A 247 -3.38 16.25 14.42
N PRO A 248 -3.70 15.41 13.42
CA PRO A 248 -3.81 15.92 12.07
C PRO A 248 -5.09 16.78 11.88
N PRO A 249 -5.15 17.53 10.79
CA PRO A 249 -6.38 18.23 10.48
C PRO A 249 -7.43 17.17 10.23
N ALA A 250 -8.64 17.32 10.72
CA ALA A 250 -9.60 16.21 10.58
C ALA A 250 -10.06 15.86 9.12
N GLU A 251 -10.13 16.88 8.27
CA GLU A 251 -10.43 16.73 6.85
C GLU A 251 -9.45 17.67 6.16
N VAL A 252 -9.14 17.37 4.89
CA VAL A 252 -8.28 18.20 4.06
C VAL A 252 -8.91 18.41 2.69
N LEU A 253 -8.63 19.57 2.12
CA LEU A 253 -8.88 19.83 0.71
C LEU A 253 -7.64 19.36 -0.03
N LEU A 254 -7.87 18.64 -1.14
CA LEU A 254 -6.76 18.12 -1.95
C LEU A 254 -7.00 18.61 -3.36
N ASN A 255 -6.04 19.32 -3.91
CA ASN A 255 -6.18 19.80 -5.25
C ASN A 255 -5.14 19.22 -6.16
N THR A 256 -5.57 18.83 -7.35
N THR A 256 -5.60 18.86 -7.34
CA THR A 256 -4.65 18.53 -8.44
CA THR A 256 -4.73 18.57 -8.46
C THR A 256 -4.76 19.61 -9.54
C THR A 256 -4.83 19.73 -9.44
N THR A 257 -3.69 20.36 -9.72
CA THR A 257 -3.60 21.38 -10.80
C THR A 257 -2.58 20.92 -11.87
N VAL A 258 -2.97 20.98 -13.13
CA VAL A 258 -2.14 20.51 -14.23
C VAL A 258 -2.07 21.59 -15.36
N TRP A 259 -0.89 22.10 -15.67
CA TRP A 259 -0.74 22.96 -16.82
C TRP A 259 -0.20 22.16 -18.03
N PRO A 260 -0.89 22.20 -19.20
CA PRO A 260 -0.37 21.55 -20.41
C PRO A 260 0.93 22.19 -20.89
N TRP A 261 1.91 21.37 -21.22
CA TRP A 261 3.23 21.84 -21.64
C TRP A 261 3.14 22.55 -22.99
N GLU A 262 2.27 22.06 -23.87
CA GLU A 262 2.02 22.73 -25.16
C GLU A 262 1.72 24.21 -25.03
N GLY A 263 1.03 24.60 -23.95
CA GLY A 263 0.74 26.04 -23.72
C GLY A 263 1.79 26.90 -23.00
N LEU A 264 2.87 26.29 -22.49
CA LEU A 264 3.87 27.01 -21.67
C LEU A 264 5.14 27.29 -22.47
N ASP A 265 5.42 28.56 -22.69
CA ASP A 265 6.72 28.98 -23.23
C ASP A 265 7.67 29.29 -22.05
N GLU A 266 8.90 29.69 -22.33
CA GLU A 266 9.86 29.81 -21.25
C GLU A 266 9.41 30.88 -20.28
N ALA A 267 8.82 31.95 -20.81
CA ALA A 267 8.49 33.11 -19.99
C ALA A 267 7.37 32.73 -18.98
N ALA A 268 6.42 31.96 -19.51
CA ALA A 268 5.32 31.31 -18.75
C ALA A 268 5.82 30.40 -17.65
N PHE A 269 6.73 29.51 -18.03
CA PHE A 269 7.37 28.56 -17.13
C PHE A 269 8.08 29.32 -16.01
N ALA A 270 8.90 30.33 -16.38
CA ALA A 270 9.63 31.16 -15.44
C ALA A 270 8.68 31.88 -14.48
N ARG A 271 7.57 32.43 -15.01
CA ARG A 271 6.62 33.21 -14.19
C ARG A 271 6.03 32.28 -13.12
N LEU A 272 5.69 31.10 -13.56
CA LEU A 272 5.08 30.10 -12.65
C LEU A 272 6.08 29.73 -11.50
N VAL A 273 7.30 29.35 -11.86
CA VAL A 273 8.37 29.01 -10.87
C VAL A 273 8.59 30.20 -9.93
N ARG A 274 8.77 31.40 -10.52
CA ARG A 274 8.90 32.63 -9.72
C ARG A 274 7.72 32.89 -8.79
N ASN A 275 6.47 32.78 -9.31
CA ASN A 275 5.29 32.98 -8.44
C ASN A 275 5.33 32.10 -7.22
N HIS A 276 5.57 30.81 -7.46
CA HIS A 276 5.61 29.77 -6.43
C HIS A 276 6.76 30.06 -5.47
N GLY A 277 7.91 30.46 -6.01
CA GLY A 277 9.12 30.69 -5.15
C GLY A 277 8.84 31.86 -4.21
N ARG A 278 8.22 32.91 -4.76
CA ARG A 278 7.95 34.12 -3.96
C ARG A 278 6.95 33.81 -2.86
N TRP A 279 5.97 32.98 -3.20
CA TRP A 279 4.89 32.67 -2.29
C TRP A 279 5.49 31.90 -1.13
N PHE A 280 6.34 30.91 -1.46
CA PHE A 280 6.99 30.14 -0.39
C PHE A 280 8.03 30.98 0.37
N GLU A 281 8.64 31.93 -0.31
CA GLU A 281 9.52 32.90 0.44
C GLU A 281 8.73 33.72 1.48
N GLN A 282 7.49 34.08 1.13
CA GLN A 282 6.67 34.92 2.04
C GLN A 282 5.99 34.12 3.12
N ASN A 283 5.67 32.84 2.86
CA ASN A 283 4.67 32.16 3.65
C ASN A 283 5.13 30.83 4.28
N SER A 284 6.39 30.80 4.74
CA SER A 284 6.98 29.60 5.38
C SER A 284 7.60 29.85 6.76
N GLY A 285 7.31 31.00 7.35
CA GLY A 285 7.72 31.25 8.72
C GLY A 285 7.02 30.36 9.72
N PRO A 286 7.64 30.10 10.88
CA PRO A 286 7.01 29.21 11.84
C PRO A 286 5.67 29.72 12.41
N ASP A 287 5.45 31.02 12.34
CA ASP A 287 4.19 31.62 12.83
C ASP A 287 3.23 31.94 11.70
N SER A 288 3.56 31.50 10.48
CA SER A 288 2.74 31.83 9.34
C SER A 288 1.36 31.11 9.46
N PRO A 289 0.29 31.78 9.00
CA PRO A 289 -1.01 31.06 9.04
C PRO A 289 -1.07 29.93 8.01
N TRP A 290 -0.12 29.94 7.05
CA TRP A 290 -0.03 28.90 6.00
C TRP A 290 0.76 27.64 6.40
N CYS A 291 1.00 27.43 7.70
CA CYS A 291 1.63 26.16 8.16
C CYS A 291 0.73 24.97 7.90
N ASP A 292 -0.56 25.23 7.70
CA ASP A 292 -1.50 24.14 7.39
C ASP A 292 -1.57 23.79 5.87
N LEU A 293 -0.72 24.42 5.05
CA LEU A 293 -0.68 24.11 3.63
C LEU A 293 0.58 23.29 3.26
N TYR A 294 0.37 22.33 2.35
CA TYR A 294 1.46 21.53 1.81
C TYR A 294 1.23 21.42 0.34
N SER A 295 2.30 21.45 -0.43
CA SER A 295 2.15 21.28 -1.87
C SER A 295 3.42 20.72 -2.48
N VAL A 296 3.26 20.14 -3.67
CA VAL A 296 4.43 19.61 -4.40
C VAL A 296 4.22 20.07 -5.81
N LEU A 297 5.17 20.88 -6.29
CA LEU A 297 5.16 21.39 -7.66
C LEU A 297 6.13 20.53 -8.48
N ALA A 298 5.60 19.81 -9.49
CA ALA A 298 6.39 18.86 -10.26
C ALA A 298 6.77 19.53 -11.57
N LEU A 299 8.04 19.96 -11.69
CA LEU A 299 8.54 20.52 -12.94
C LEU A 299 9.00 19.32 -13.76
N THR A 300 8.13 18.92 -14.68
CA THR A 300 8.29 17.67 -15.41
C THR A 300 8.97 17.96 -16.76
N ARG A 301 9.53 16.92 -17.38
CA ARG A 301 9.96 17.01 -18.77
C ARG A 301 8.77 17.37 -19.67
N SER A 302 8.99 18.27 -20.63
CA SER A 302 7.89 18.75 -21.51
C SER A 302 7.32 17.58 -22.31
N GLN A 303 8.20 16.63 -22.64
CA GLN A 303 7.85 15.36 -23.23
C GLN A 303 6.69 14.67 -22.48
N SER A 304 6.52 14.95 -21.18
CA SER A 304 5.46 14.32 -20.39
C SER A 304 4.10 14.91 -20.71
N GLY A 305 4.04 16.13 -21.23
CA GLY A 305 2.80 16.73 -21.76
C GLY A 305 2.17 17.65 -20.73
N ALA A 306 2.59 17.52 -19.48
CA ALA A 306 1.99 18.34 -18.46
C ALA A 306 2.84 18.58 -17.22
N LEU A 307 2.74 19.79 -16.73
N LEU A 307 2.76 19.80 -16.73
CA LEU A 307 3.38 20.22 -15.49
CA LEU A 307 3.39 20.25 -15.49
C LEU A 307 2.27 20.06 -14.43
C LEU A 307 2.28 20.06 -14.43
N ALA A 308 2.61 19.68 -13.20
CA ALA A 308 1.57 19.36 -12.21
C ALA A 308 1.84 19.78 -10.80
N MET A 309 0.80 20.11 -10.06
N MET A 309 0.79 19.98 -10.04
CA MET A 309 0.97 20.47 -8.64
CA MET A 309 0.95 20.40 -8.68
C MET A 309 -0.12 19.87 -7.79
C MET A 309 -0.12 19.77 -7.83
N THR A 310 0.30 19.30 -6.66
CA THR A 310 -0.62 18.68 -5.71
C THR A 310 -0.57 19.52 -4.44
N THR A 311 -1.74 19.91 -3.95
CA THR A 311 -1.88 20.76 -2.77
C THR A 311 -2.80 20.15 -1.69
N GLN A 312 -2.40 20.25 -0.42
CA GLN A 312 -3.21 19.84 0.70
C GLN A 312 -3.37 21.03 1.64
N LEU A 313 -4.62 21.30 2.04
CA LEU A 313 -4.91 22.31 3.03
C LEU A 313 -5.86 21.78 4.04
N ASP A 314 -5.59 22.00 5.32
CA ASP A 314 -6.60 21.76 6.42
C ASP A 314 -7.97 22.31 5.99
N ALA A 315 -9.02 21.50 6.09
CA ALA A 315 -10.28 21.92 5.52
C ALA A 315 -11.19 22.40 6.62
N THR A 316 -10.67 22.41 7.84
CA THR A 316 -11.61 22.46 8.96
C THR A 316 -11.84 23.91 9.42
N GLY A 317 -10.91 24.81 9.05
CA GLY A 317 -10.89 26.14 9.62
C GLY A 317 -11.76 27.06 8.81
N PRO A 318 -11.95 28.32 9.30
CA PRO A 318 -12.84 29.27 8.61
C PRO A 318 -12.22 29.57 7.23
N ASP A 319 -13.05 29.58 6.19
CA ASP A 319 -12.55 30.07 4.90
C ASP A 319 -11.49 29.19 4.21
N ALA A 320 -11.49 27.89 4.50
CA ALA A 320 -10.49 26.97 3.89
C ALA A 320 -10.49 27.00 2.35
N GLU A 321 -11.68 27.00 1.74
CA GLU A 321 -11.73 26.87 0.29
C GLU A 321 -11.25 28.12 -0.39
N LYS A 322 -11.50 29.29 0.23
CA LYS A 322 -11.08 30.56 -0.35
C LYS A 322 -9.55 30.63 -0.23
N ARG A 323 -9.02 30.25 0.93
CA ARG A 323 -7.58 30.28 1.21
C ARG A 323 -6.82 29.37 0.23
N LEU A 324 -7.35 28.17 -0.04
CA LEU A 324 -6.80 27.29 -1.10
C LEU A 324 -6.80 27.99 -2.44
N GLU A 325 -7.89 28.68 -2.74
CA GLU A 325 -7.97 29.42 -3.98
C GLU A 325 -6.96 30.52 -4.07
N THR A 326 -6.77 31.23 -2.97
CA THR A 326 -5.81 32.31 -3.02
C THR A 326 -4.38 31.78 -3.22
N TYR A 327 -4.06 30.57 -2.74
CA TYR A 327 -2.73 29.98 -3.05
C TYR A 327 -2.64 29.61 -4.53
N LEU A 328 -3.69 28.98 -5.08
CA LEU A 328 -3.66 28.52 -6.46
C LEU A 328 -3.59 29.69 -7.44
N ALA A 329 -4.32 30.75 -7.14
CA ALA A 329 -4.33 31.98 -7.94
C ALA A 329 -2.90 32.57 -7.93
N ALA A 330 -2.24 32.57 -6.78
CA ALA A 330 -0.87 33.09 -6.69
C ALA A 330 0.10 32.33 -7.60
N VAL A 331 -0.04 31.00 -7.63
CA VAL A 331 0.86 30.23 -8.42
C VAL A 331 0.66 30.49 -9.92
N SER A 332 -0.58 30.64 -10.35
CA SER A 332 -0.87 30.75 -11.78
C SER A 332 -0.91 32.24 -12.23
N GLU A 333 -0.70 33.18 -11.29
CA GLU A 333 -0.90 34.63 -11.55
C GLU A 333 -0.02 35.15 -12.64
N GLY A 334 -0.68 35.56 -13.72
CA GLY A 334 -0.05 36.12 -14.92
C GLY A 334 0.70 35.10 -15.75
N VAL A 335 0.48 33.81 -15.49
CA VAL A 335 1.19 32.78 -16.25
C VAL A 335 0.72 32.67 -17.71
N GLY A 336 -0.55 33.01 -17.97
CA GLY A 336 -1.19 32.92 -19.29
C GLY A 336 -1.54 31.51 -19.80
N VAL A 337 -1.53 30.52 -18.91
CA VAL A 337 -2.07 29.20 -19.22
C VAL A 337 -3.05 28.96 -18.10
N GLN A 338 -4.28 28.64 -18.50
CA GLN A 338 -5.29 28.33 -17.55
C GLN A 338 -5.05 26.88 -17.07
N PRO A 339 -4.80 26.69 -15.78
CA PRO A 339 -4.57 25.33 -15.38
C PRO A 339 -5.92 24.56 -15.23
N HIS A 340 -5.84 23.26 -15.40
CA HIS A 340 -6.90 22.27 -15.01
C HIS A 340 -6.78 21.97 -13.54
N SER A 341 -7.81 22.34 -12.79
CA SER A 341 -7.78 22.29 -11.36
C SER A 341 -8.98 21.49 -10.85
N ASP A 342 -8.72 20.46 -10.06
CA ASP A 342 -9.82 19.83 -9.31
C ASP A 342 -9.50 19.55 -7.84
N THR A 343 -10.47 19.89 -7.00
CA THR A 343 -10.36 19.86 -5.54
C THR A 343 -11.35 18.83 -5.02
N ARG A 344 -10.90 17.93 -4.16
CA ARG A 344 -11.78 17.00 -3.46
C ARG A 344 -11.52 17.28 -2.00
N ARG A 345 -12.47 16.90 -1.20
CA ARG A 345 -12.37 16.96 0.26
C ARG A 345 -12.43 15.53 0.84
N LEU A 346 -11.45 15.16 1.67
CA LEU A 346 -11.37 13.82 2.27
C LEU A 346 -11.11 13.88 3.77
N PRO A 347 -11.66 12.93 4.54
CA PRO A 347 -11.23 12.73 5.93
C PRO A 347 -9.73 12.42 5.94
N TRP A 348 -9.07 12.78 7.01
CA TRP A 348 -7.59 12.83 7.00
C TRP A 348 -6.93 11.47 6.67
N LEU A 349 -7.28 10.42 7.41
CA LEU A 349 -6.57 9.13 7.19
C LEU A 349 -6.76 8.64 5.73
N HIS A 350 -7.98 8.76 5.20
CA HIS A 350 -8.23 8.44 3.80
C HIS A 350 -7.34 9.29 2.88
N SER A 351 -7.17 10.57 3.22
CA SER A 351 -6.36 11.51 2.42
C SER A 351 -4.92 10.98 2.22
N THR A 352 -4.38 10.32 3.26
CA THR A 352 -2.95 9.95 3.28
C THR A 352 -2.68 8.90 2.19
N ARG A 353 -3.74 8.21 1.70
CA ARG A 353 -3.50 7.11 0.74
C ARG A 353 -3.99 7.52 -0.61
N TRP A 354 -4.50 8.75 -0.73
CA TRP A 354 -4.71 9.27 -2.07
C TRP A 354 -3.36 9.34 -2.84
N PRO A 355 -3.29 8.74 -4.06
CA PRO A 355 -1.97 8.67 -4.73
C PRO A 355 -1.35 10.02 -5.00
N GLY A 356 -2.16 11.06 -5.08
CA GLY A 356 -1.58 12.39 -5.23
C GLY A 356 -0.64 12.78 -4.08
N ILE A 357 -0.94 12.31 -2.88
CA ILE A 357 -0.06 12.51 -1.69
C ILE A 357 0.90 11.33 -1.47
N ALA A 358 0.39 10.09 -1.52
CA ALA A 358 1.14 8.88 -1.17
C ALA A 358 2.12 8.47 -2.26
N GLY A 359 1.90 8.92 -3.49
CA GLY A 359 2.68 8.41 -4.65
C GLY A 359 2.01 7.15 -5.22
N ASP A 360 2.62 6.49 -6.21
CA ASP A 360 1.91 5.39 -6.87
C ASP A 360 2.25 3.98 -6.39
N GLY A 361 3.14 3.87 -5.42
CA GLY A 361 3.52 2.52 -4.93
C GLY A 361 4.16 1.63 -6.02
N ASP A 362 4.80 2.27 -7.02
CA ASP A 362 5.43 1.44 -8.04
C ASP A 362 6.96 1.56 -7.89
N MET A 363 7.61 0.53 -7.34
CA MET A 363 9.08 0.49 -7.15
C MET A 363 9.74 -0.50 -8.08
N THR A 364 9.13 -0.72 -9.21
CA THR A 364 9.61 -1.77 -10.14
C THR A 364 10.52 -1.24 -11.19
N GLY A 365 10.78 0.08 -11.19
CA GLY A 365 11.71 0.69 -12.19
C GLY A 365 13.12 0.82 -11.65
N ARG A 366 13.87 1.70 -12.29
CA ARG A 366 15.22 2.07 -11.86
C ARG A 366 15.15 3.56 -11.76
N ALA A 367 15.80 4.11 -10.74
CA ALA A 367 15.74 5.56 -10.47
C ALA A 367 17.10 6.05 -9.91
N LYS A 368 17.45 7.29 -10.22
CA LYS A 368 18.50 7.98 -9.51
C LYS A 368 17.91 9.30 -8.97
N ILE A 369 18.04 9.55 -7.67
CA ILE A 369 17.49 10.72 -6.98
C ILE A 369 18.62 11.64 -6.47
N LYS A 370 18.35 12.94 -6.43
CA LYS A 370 19.25 13.96 -5.91
C LYS A 370 18.38 14.90 -5.14
N ALA A 371 18.95 15.71 -4.24
CA ALA A 371 18.16 16.49 -3.30
C ALA A 371 18.90 17.75 -2.93
N ALA A 372 18.15 18.78 -2.49
CA ALA A 372 18.71 20.03 -1.98
C ALA A 372 17.75 20.73 -1.08
N TYR A 373 18.26 21.48 -0.13
CA TYR A 373 17.47 22.45 0.61
C TYR A 373 17.48 23.76 -0.12
N ALA A 374 16.31 24.43 -0.23
CA ALA A 374 16.24 25.81 -0.72
C ALA A 374 15.91 26.79 0.40
N ARG A 375 16.80 27.74 0.66
CA ARG A 375 16.50 28.85 1.55
C ARG A 375 15.83 30.00 0.84
N ARG A 376 16.08 30.13 -0.46
CA ARG A 376 15.41 31.12 -1.32
C ARG A 376 15.08 30.35 -2.56
N SER A 377 14.16 30.92 -3.35
CA SER A 377 13.72 30.28 -4.55
C SER A 377 14.76 30.36 -5.67
N PHE A 378 14.55 29.55 -6.70
CA PHE A 378 15.53 29.54 -7.81
C PHE A 378 15.71 30.94 -8.38
N ASP A 379 16.94 31.28 -8.67
CA ASP A 379 17.19 32.53 -9.37
C ASP A 379 16.95 32.42 -10.88
N ASP A 380 17.07 33.55 -11.57
CA ASP A 380 16.82 33.58 -13.02
C ASP A 380 17.65 32.58 -13.85
N ARG A 381 18.95 32.44 -13.55
N ARG A 381 18.95 32.45 -13.55
CA ARG A 381 19.82 31.49 -14.25
CA ARG A 381 19.81 31.49 -14.26
C ARG A 381 19.36 30.01 -14.06
C ARG A 381 19.36 30.01 -14.06
N GLN A 382 19.08 29.64 -12.81
CA GLN A 382 18.64 28.32 -12.46
C GLN A 382 17.30 27.98 -13.19
N ILE A 383 16.35 28.92 -13.18
CA ILE A 383 15.04 28.70 -13.83
C ILE A 383 15.32 28.44 -15.34
N GLY A 384 16.18 29.25 -15.94
CA GLY A 384 16.53 29.03 -17.34
C GLY A 384 17.16 27.67 -17.59
N THR A 385 18.06 27.24 -16.69
CA THR A 385 18.68 25.92 -16.78
C THR A 385 17.64 24.81 -16.73
N LEU A 386 16.70 24.97 -15.80
CA LEU A 386 15.67 23.93 -15.60
C LEU A 386 14.81 23.84 -16.89
N TYR A 387 14.39 25.01 -17.40
CA TYR A 387 13.66 25.07 -18.65
C TYR A 387 14.38 24.30 -19.77
N THR A 388 15.65 24.63 -19.98
CA THR A 388 16.45 23.97 -21.03
C THR A 388 16.48 22.45 -20.86
N ARG A 389 16.75 22.00 -19.63
CA ARG A 389 16.94 20.57 -19.39
C ARG A 389 15.64 19.79 -19.49
N LEU A 390 14.52 20.41 -19.05
CA LEU A 390 13.23 19.75 -19.12
C LEU A 390 12.62 19.72 -20.52
N THR A 391 12.98 20.70 -21.36
CA THR A 391 12.51 20.75 -22.77
C THR A 391 13.49 20.19 -23.77
N SER A 392 14.71 19.86 -23.32
CA SER A 392 15.78 19.27 -24.19
C SER A 392 15.33 18.10 -25.05
N THR A 393 15.83 18.07 -26.28
CA THR A 393 15.66 16.89 -27.15
C THR A 393 16.97 16.10 -27.30
N ASP A 394 18.04 16.52 -26.61
CA ASP A 394 19.26 15.65 -26.53
C ASP A 394 19.03 14.44 -25.59
N TYR A 395 17.97 14.51 -24.80
CA TYR A 395 17.65 13.43 -23.87
C TYR A 395 16.29 12.91 -24.31
N ASP A 396 16.04 11.63 -24.12
CA ASP A 396 14.69 11.15 -24.34
C ASP A 396 14.21 10.35 -23.12
N ASN A 397 13.36 10.99 -22.34
CA ASN A 397 12.76 10.35 -21.20
C ASN A 397 11.68 11.28 -20.70
N PRO A 398 10.40 10.82 -20.76
CA PRO A 398 9.32 11.67 -20.20
C PRO A 398 9.38 11.68 -18.66
N ALA A 399 10.07 10.72 -18.04
CA ALA A 399 9.99 10.56 -16.59
C ALA A 399 10.94 11.48 -15.71
N GLY A 400 11.60 12.47 -16.27
CA GLY A 400 12.44 13.28 -15.38
C GLY A 400 11.61 14.36 -14.72
N VAL A 401 11.89 14.61 -13.45
CA VAL A 401 11.16 15.61 -12.73
C VAL A 401 12.05 16.36 -11.71
N VAL A 402 11.77 17.66 -11.53
CA VAL A 402 12.27 18.40 -10.38
C VAL A 402 11.05 18.81 -9.57
N ALA A 403 10.92 18.23 -8.39
CA ALA A 403 9.82 18.48 -7.52
C ALA A 403 10.21 19.47 -6.46
N LEU A 404 9.38 20.49 -6.27
CA LEU A 404 9.59 21.49 -5.22
C LEU A 404 8.58 21.23 -4.14
N ILE A 405 9.08 20.85 -2.98
CA ILE A 405 8.25 20.35 -1.85
C ILE A 405 8.12 21.46 -0.77
N ALA A 406 6.89 21.94 -0.54
CA ALA A 406 6.61 22.95 0.54
C ALA A 406 7.31 22.51 1.81
N TYR A 407 8.08 23.44 2.42
CA TYR A 407 8.80 23.05 3.63
C TYR A 407 8.82 24.20 4.69
N GLY A 408 9.63 24.09 5.76
CA GLY A 408 9.66 25.20 6.77
C GLY A 408 8.46 25.12 7.74
N GLY A 409 7.74 26.24 7.90
CA GLY A 409 6.67 26.36 8.93
C GLY A 409 7.26 25.99 10.26
N LYS A 410 6.56 25.13 10.98
CA LYS A 410 6.97 24.72 12.34
C LYS A 410 8.33 23.98 12.45
N VAL A 411 8.86 23.43 11.33
CA VAL A 411 10.19 22.80 11.29
C VAL A 411 11.15 23.93 11.75
N ASN A 412 10.86 25.17 11.30
CA ASN A 412 11.80 26.29 11.54
C ASN A 412 11.63 27.01 12.85
N ALA A 413 10.82 26.46 13.74
CA ALA A 413 10.71 27.00 15.10
C ALA A 413 11.79 26.43 16.05
N VAL A 414 12.58 25.48 15.54
CA VAL A 414 13.48 24.71 16.34
C VAL A 414 14.87 25.29 16.03
N PRO A 415 15.68 25.56 17.08
CA PRO A 415 17.02 26.08 16.79
C PRO A 415 17.85 25.05 15.99
N ALA A 416 18.73 25.56 15.13
CA ALA A 416 19.57 24.70 14.25
C ALA A 416 20.36 23.63 14.98
N ASP A 417 20.81 23.93 16.19
N ASP A 417 20.83 23.91 16.19
CA ASP A 417 21.69 23.03 16.98
CA ASP A 417 21.69 22.95 16.90
C ASP A 417 20.94 22.00 17.84
C ASP A 417 20.94 22.00 17.84
N ARG A 418 19.62 22.14 17.93
CA ARG A 418 18.88 21.33 18.88
C ARG A 418 18.89 19.84 18.49
N THR A 419 18.77 19.54 17.21
CA THR A 419 18.72 18.16 16.80
C THR A 419 19.81 17.95 15.77
N ALA A 420 19.90 16.74 15.22
CA ALA A 420 20.85 16.48 14.09
C ALA A 420 20.26 16.83 12.70
N VAL A 421 19.13 17.54 12.67
CA VAL A 421 18.59 18.15 11.47
C VAL A 421 18.94 19.64 11.62
N ALA A 422 20.01 20.04 10.95
CA ALA A 422 20.56 21.38 11.23
C ALA A 422 19.87 22.44 10.35
N GLN A 423 19.12 21.99 9.34
CA GLN A 423 18.52 22.92 8.38
C GLN A 423 17.16 23.34 8.86
N ARG A 424 17.13 24.47 9.56
CA ARG A 424 15.88 24.92 10.21
C ARG A 424 15.46 26.32 9.77
N ASP A 425 15.77 26.69 8.54
CA ASP A 425 15.27 27.94 8.01
C ASP A 425 14.98 27.87 6.50
N SER A 426 14.83 26.64 5.95
CA SER A 426 14.57 26.49 4.54
C SER A 426 13.06 26.64 4.23
N ILE A 427 12.74 26.91 2.97
CA ILE A 427 11.33 27.13 2.58
C ILE A 427 10.84 25.97 1.71
N LEU A 428 11.78 25.23 1.11
CA LEU A 428 11.48 24.10 0.20
C LEU A 428 12.52 23.04 0.30
N LYS A 429 12.08 21.81 0.12
CA LYS A 429 13.03 20.75 -0.27
C LYS A 429 12.84 20.52 -1.76
N ILE A 430 13.95 20.27 -2.43
CA ILE A 430 13.93 20.05 -3.88
C ILE A 430 14.36 18.58 -4.13
N VAL A 431 13.62 17.84 -4.98
CA VAL A 431 14.01 16.47 -5.29
C VAL A 431 14.24 16.50 -6.77
N TYR A 432 15.34 15.90 -7.21
CA TYR A 432 15.65 15.79 -8.63
C TYR A 432 15.57 14.32 -8.92
N VAL A 433 14.74 13.86 -9.87
CA VAL A 433 14.73 12.40 -10.08
C VAL A 433 14.61 12.05 -11.58
N THR A 434 15.21 10.94 -11.98
CA THR A 434 14.86 10.37 -13.27
C THR A 434 14.65 8.88 -13.09
N THR A 435 13.67 8.34 -13.81
N THR A 435 13.74 8.32 -13.87
CA THR A 435 13.38 6.91 -13.67
CA THR A 435 13.33 6.94 -13.67
C THR A 435 13.40 6.29 -15.07
C THR A 435 13.28 6.26 -15.04
N TRP A 436 13.73 5.00 -15.13
CA TRP A 436 13.78 4.29 -16.42
C TRP A 436 13.63 2.80 -16.18
N GLU A 437 13.70 1.99 -17.23
CA GLU A 437 13.44 0.54 -17.13
C GLU A 437 14.68 -0.32 -17.44
N ASP A 438 15.42 0.05 -18.46
CA ASP A 438 16.45 -0.84 -18.99
C ASP A 438 17.83 -0.58 -18.32
N PRO A 439 18.43 -1.61 -17.68
CA PRO A 439 19.69 -1.43 -16.98
C PRO A 439 20.87 -1.08 -17.91
N ALA A 440 20.76 -1.42 -19.18
CA ALA A 440 21.78 -1.05 -20.18
C ALA A 440 21.82 0.49 -20.35
N GLN A 441 20.70 1.16 -20.02
CA GLN A 441 20.62 2.61 -20.15
C GLN A 441 21.04 3.34 -18.87
N ASP A 442 21.40 2.63 -17.81
CA ASP A 442 21.77 3.32 -16.55
C ASP A 442 22.71 4.54 -16.78
N PRO A 443 23.81 4.38 -17.55
CA PRO A 443 24.75 5.53 -17.72
C PRO A 443 24.12 6.80 -18.32
N VAL A 444 23.17 6.66 -19.25
CA VAL A 444 22.52 7.82 -19.87
C VAL A 444 21.65 8.65 -18.91
N HIS A 445 20.73 7.98 -18.18
CA HIS A 445 19.89 8.62 -17.17
C HIS A 445 20.69 9.23 -16.02
N VAL A 446 21.68 8.47 -15.53
CA VAL A 446 22.53 8.89 -14.44
C VAL A 446 23.31 10.15 -14.89
N ARG A 447 23.84 10.17 -16.11
CA ARG A 447 24.51 11.38 -16.61
C ARG A 447 23.53 12.59 -16.71
N TRP A 448 22.31 12.36 -17.19
CA TRP A 448 21.39 13.49 -17.39
C TRP A 448 21.06 14.21 -16.08
N ILE A 449 20.68 13.43 -15.06
N ILE A 449 20.67 13.45 -15.06
CA ILE A 449 20.34 13.99 -13.76
CA ILE A 449 20.34 14.07 -13.77
C ILE A 449 21.58 14.64 -13.10
C ILE A 449 21.59 14.67 -13.10
N ARG A 450 22.74 13.99 -13.23
CA ARG A 450 24.01 14.58 -12.73
C ARG A 450 24.29 15.92 -13.39
N GLU A 451 24.13 16.02 -14.72
CA GLU A 451 24.43 17.31 -15.41
C GLU A 451 23.36 18.35 -15.10
N LEU A 452 22.12 17.91 -15.03
CA LEU A 452 21.07 18.87 -14.60
C LEU A 452 21.41 19.49 -13.22
N TYR A 453 21.71 18.62 -12.26
CA TYR A 453 21.85 19.06 -10.86
C TYR A 453 23.13 19.88 -10.81
N ARG A 454 24.18 19.41 -11.47
CA ARG A 454 25.45 20.21 -11.47
C ARG A 454 25.20 21.60 -12.06
N ASP A 455 24.40 21.71 -13.14
CA ASP A 455 24.18 23.02 -13.79
C ASP A 455 23.29 23.94 -12.97
N VAL A 456 22.23 23.39 -12.34
CA VAL A 456 21.46 24.22 -11.40
C VAL A 456 22.38 24.79 -10.29
N TYR A 457 23.27 23.93 -9.78
CA TYR A 457 24.24 24.39 -8.75
C TYR A 457 25.61 24.88 -9.25
N ALA A 458 25.69 25.37 -10.47
CA ALA A 458 26.99 25.65 -11.11
C ALA A 458 27.71 26.77 -10.43
N ASP A 459 27.01 27.67 -9.74
CA ASP A 459 27.70 28.83 -9.12
C ASP A 459 28.41 28.43 -7.83
N THR A 460 28.13 27.24 -7.32
CA THR A 460 28.64 26.73 -6.09
C THR A 460 29.19 25.31 -6.27
N GLY A 461 30.04 25.10 -7.29
CA GLY A 461 30.76 23.84 -7.44
C GLY A 461 29.88 22.63 -7.76
N GLY A 462 28.70 22.86 -8.33
CA GLY A 462 27.85 21.71 -8.76
C GLY A 462 26.96 21.17 -7.66
N VAL A 463 27.01 21.79 -6.47
CA VAL A 463 26.30 21.27 -5.30
C VAL A 463 25.61 22.38 -4.46
N PRO A 464 24.55 22.02 -3.72
CA PRO A 464 23.79 23.05 -2.94
C PRO A 464 24.52 23.43 -1.66
N VAL A 465 25.60 24.18 -1.80
N VAL A 465 25.62 24.16 -1.77
CA VAL A 465 26.44 24.54 -0.67
CA VAL A 465 26.42 24.42 -0.57
C VAL A 465 25.58 25.22 0.45
C VAL A 465 25.57 25.16 0.47
N PRO A 466 25.76 24.82 1.73
CA PRO A 466 24.94 25.42 2.77
C PRO A 466 25.19 26.90 3.07
N GLY A 467 24.16 27.49 3.69
CA GLY A 467 24.14 28.85 4.26
C GLY A 467 24.06 29.96 3.23
N GLY A 468 23.59 29.63 2.03
CA GLY A 468 23.37 30.63 0.99
C GLY A 468 21.94 30.53 0.44
N ALA A 469 21.83 30.51 -0.88
CA ALA A 469 20.52 30.29 -1.47
C ALA A 469 20.03 28.88 -1.13
N ALA A 470 20.96 27.95 -1.02
CA ALA A 470 20.67 26.57 -0.69
C ALA A 470 21.11 26.29 0.75
N ASP A 471 20.71 25.14 1.31
CA ASP A 471 21.22 24.76 2.63
C ASP A 471 21.70 23.32 2.69
N GLY A 472 22.36 22.85 1.63
CA GLY A 472 22.88 21.47 1.62
C GLY A 472 21.80 20.51 1.15
N ALA A 473 21.79 19.31 1.71
CA ALA A 473 20.89 18.23 1.27
C ALA A 473 20.47 17.44 2.48
N TYR A 474 19.50 16.51 2.27
CA TYR A 474 18.94 15.82 3.43
C TYR A 474 19.17 14.32 3.26
N VAL A 475 19.61 13.69 4.34
CA VAL A 475 20.17 12.35 4.32
C VAL A 475 19.20 11.18 3.94
N ASN A 476 17.89 11.39 4.07
CA ASN A 476 16.92 10.38 3.60
C ASN A 476 16.92 10.24 2.07
N TYR A 477 17.49 11.23 1.37
CA TYR A 477 17.70 11.15 -0.11
C TYR A 477 19.20 11.20 -0.39
N PRO A 478 19.92 10.13 -0.03
CA PRO A 478 21.38 10.16 -0.09
C PRO A 478 21.79 10.13 -1.55
N ASP A 479 22.94 10.78 -1.82
CA ASP A 479 23.44 10.84 -3.19
C ASP A 479 24.93 10.73 -3.05
N VAL A 480 25.49 9.58 -3.41
CA VAL A 480 26.94 9.39 -3.16
C VAL A 480 27.76 10.36 -4.05
N ASP A 481 27.16 10.93 -5.10
CA ASP A 481 27.88 11.93 -5.90
C ASP A 481 28.32 13.18 -5.14
N LEU A 482 27.69 13.47 -4.02
CA LEU A 482 28.09 14.61 -3.16
C LEU A 482 29.48 14.38 -2.52
N ALA A 483 29.91 13.12 -2.45
CA ALA A 483 31.26 12.70 -2.03
C ALA A 483 32.29 12.48 -3.18
N ASP A 484 31.91 12.82 -4.41
CA ASP A 484 32.68 12.44 -5.60
C ASP A 484 33.29 13.72 -6.16
N GLU A 485 34.61 13.85 -6.08
CA GLU A 485 35.31 15.01 -6.65
C GLU A 485 35.01 15.28 -8.14
N GLU A 486 34.56 14.29 -8.87
CA GLU A 486 34.13 14.55 -10.24
C GLU A 486 32.87 15.47 -10.33
N TRP A 487 31.99 15.43 -9.31
CA TRP A 487 30.70 16.08 -9.42
C TRP A 487 30.56 17.20 -8.40
N ASN A 488 31.28 17.07 -7.30
CA ASN A 488 31.31 18.13 -6.29
C ASN A 488 32.66 18.84 -6.38
N THR A 489 32.69 20.02 -6.97
CA THR A 489 33.96 20.79 -7.08
C THR A 489 33.92 22.00 -6.14
N SER A 490 33.07 21.98 -5.11
CA SER A 490 32.87 23.18 -4.26
C SER A 490 33.91 23.24 -3.13
N GLY A 491 34.64 22.16 -2.90
CA GLY A 491 35.52 22.10 -1.73
C GLY A 491 34.75 21.89 -0.42
N VAL A 492 33.40 21.79 -0.45
CA VAL A 492 32.58 21.50 0.74
C VAL A 492 32.30 20.01 0.78
N PRO A 493 32.70 19.30 1.86
CA PRO A 493 32.58 17.83 1.85
C PRO A 493 31.11 17.39 2.00
N TRP A 494 30.87 16.18 1.55
CA TRP A 494 29.51 15.57 1.66
C TRP A 494 28.93 15.76 3.11
N SER A 495 29.78 15.67 4.15
CA SER A 495 29.31 15.60 5.51
C SER A 495 28.77 16.98 5.89
N GLU A 496 29.36 18.05 5.37
CA GLU A 496 28.85 19.40 5.61
C GLU A 496 27.57 19.69 4.85
N LEU A 497 27.46 19.16 3.63
CA LEU A 497 26.18 19.30 2.88
C LEU A 497 24.99 18.69 3.63
N TYR A 498 25.20 17.52 4.26
CA TYR A 498 24.04 16.84 4.98
C TYR A 498 23.86 17.37 6.37
N TYR A 499 24.98 17.71 7.06
CA TYR A 499 24.85 17.90 8.53
C TYR A 499 25.29 19.27 8.99
N LYS A 500 25.93 20.04 8.10
CA LYS A 500 26.43 21.38 8.46
C LYS A 500 27.23 21.27 9.77
N ASP A 501 26.99 22.15 10.77
N ASP A 501 26.93 22.13 10.75
CA ASP A 501 27.83 22.10 12.01
CA ASP A 501 27.71 22.18 12.00
C ASP A 501 27.46 20.96 12.98
C ASP A 501 27.32 21.10 13.04
N ALA A 502 26.42 20.19 12.66
CA ALA A 502 26.13 19.00 13.50
C ALA A 502 27.18 17.93 13.35
N TYR A 503 28.01 18.01 12.32
CA TYR A 503 28.85 16.85 12.00
C TYR A 503 29.86 16.52 13.09
N PRO A 504 30.54 17.52 13.69
CA PRO A 504 31.47 17.13 14.75
C PRO A 504 30.85 16.35 15.91
N ARG A 505 29.66 16.76 16.36
CA ARG A 505 29.01 16.04 17.44
C ARG A 505 28.62 14.62 16.98
N LEU A 506 28.16 14.50 15.74
CA LEU A 506 27.88 13.13 15.20
C LEU A 506 29.15 12.27 15.15
N GLN A 507 30.29 12.86 14.74
CA GLN A 507 31.59 12.11 14.78
C GLN A 507 31.95 11.67 16.20
N ALA A 508 31.66 12.52 17.20
CA ALA A 508 31.96 12.10 18.58
C ALA A 508 31.06 10.93 19.01
N VAL A 509 29.76 10.96 18.59
CA VAL A 509 28.89 9.82 18.91
C VAL A 509 29.44 8.57 18.20
N LYS A 510 29.89 8.74 16.95
CA LYS A 510 30.46 7.59 16.21
C LYS A 510 31.65 7.01 16.96
N ALA A 511 32.62 7.87 17.35
CA ALA A 511 33.79 7.41 18.12
C ALA A 511 33.42 6.71 19.44
N ARG A 512 32.40 7.22 20.13
CA ARG A 512 32.06 6.67 21.41
C ARG A 512 31.29 5.35 21.29
N TRP A 513 30.30 5.29 20.40
CA TRP A 513 29.41 4.07 20.38
C TRP A 513 29.64 3.11 19.25
N ASP A 514 30.31 3.52 18.19
CA ASP A 514 30.76 2.53 17.19
C ASP A 514 32.29 2.71 16.94
N PRO A 515 33.08 2.46 17.99
CA PRO A 515 34.55 2.71 17.84
C PRO A 515 35.19 1.79 16.79
N ARG A 516 34.58 0.62 16.54
CA ARG A 516 35.13 -0.31 15.54
C ARG A 516 34.66 0.01 14.12
N ASN A 517 33.74 0.98 13.97
CA ASN A 517 33.15 1.38 12.66
C ASN A 517 32.51 0.15 11.98
N VAL A 518 31.77 -0.57 12.80
CA VAL A 518 30.95 -1.73 12.30
C VAL A 518 29.87 -1.31 11.25
N PHE A 519 29.24 -0.18 11.51
CA PHE A 519 28.10 0.28 10.71
C PHE A 519 28.65 1.33 9.76
N ARG A 520 28.74 1.02 8.45
CA ARG A 520 29.27 2.01 7.56
C ARG A 520 28.75 1.78 6.18
N HIS A 521 28.97 2.76 5.32
CA HIS A 521 28.51 2.72 3.90
C HIS A 521 29.09 3.93 3.19
N ALA A 522 28.69 4.18 1.92
CA ALA A 522 29.32 5.21 1.13
C ALA A 522 29.14 6.62 1.70
N LEU A 523 28.11 6.81 2.57
CA LEU A 523 27.92 8.17 3.15
C LEU A 523 27.78 8.07 4.62
N SER A 524 28.55 7.16 5.24
CA SER A 524 28.43 6.97 6.72
C SER A 524 29.33 7.96 7.50
N VAL A 525 28.82 8.41 8.64
CA VAL A 525 29.55 9.26 9.55
C VAL A 525 30.88 8.56 9.89
N ARG A 526 31.96 9.33 9.85
CA ARG A 526 33.29 8.75 9.99
C ARG A 526 34.09 9.63 10.98
N VAL A 527 34.88 9.05 11.90
CA VAL A 527 35.67 9.87 12.88
C VAL A 527 36.76 10.61 12.12
N PRO A 528 37.31 11.71 12.70
CA PRO A 528 38.41 12.38 11.99
C PRO A 528 39.63 11.44 11.84
N PRO A 529 40.40 11.61 10.74
CA PRO A 529 41.69 10.85 10.56
C PRO A 529 42.60 11.08 11.79
N ALA A 530 43.24 10.02 12.28
CA ALA A 530 43.77 9.99 13.68
C ALA A 530 45.22 10.44 13.77
N MET B 31 -5.78 -5.56 23.50
CA MET B 31 -6.38 -6.44 24.55
C MET B 31 -6.77 -5.70 25.85
N LYS B 32 -7.01 -4.38 25.79
CA LYS B 32 -7.93 -3.69 26.76
C LYS B 32 -8.98 -2.94 25.91
N HIS B 33 -10.18 -2.65 26.42
CA HIS B 33 -11.01 -1.76 25.56
C HIS B 33 -10.61 -0.26 25.72
N ILE B 34 -10.91 0.53 24.70
CA ILE B 34 -10.65 1.98 24.70
C ILE B 34 -11.95 2.68 24.38
N ASP B 35 -12.01 4.00 24.50
CA ASP B 35 -13.29 4.70 24.19
C ASP B 35 -13.76 4.43 22.74
N SER B 36 -15.08 4.36 22.56
CA SER B 36 -15.60 4.22 21.21
C SER B 36 -15.62 5.61 20.57
N VAL B 37 -15.79 5.62 19.26
CA VAL B 37 -15.71 6.81 18.42
C VAL B 37 -17.15 7.23 18.04
N ALA B 38 -17.53 8.42 18.43
CA ALA B 38 -18.89 8.94 18.20
C ALA B 38 -18.78 10.22 17.33
N PRO B 39 -19.90 10.71 16.76
CA PRO B 39 -19.89 11.98 16.06
C PRO B 39 -19.24 13.09 16.89
N GLY B 40 -18.42 13.91 16.26
CA GLY B 40 -17.65 14.92 17.00
C GLY B 40 -16.18 14.52 17.13
N ASP B 41 -15.90 13.22 17.16
CA ASP B 41 -14.54 12.69 17.39
C ASP B 41 -13.73 12.97 16.12
N ILE B 42 -12.46 13.34 16.29
CA ILE B 42 -11.62 13.62 15.13
C ILE B 42 -11.57 12.42 14.12
N ARG B 43 -11.73 11.19 14.62
CA ARG B 43 -11.68 9.98 13.78
C ARG B 43 -13.00 9.68 13.09
N TYR B 44 -14.09 10.41 13.40
CA TYR B 44 -15.43 9.93 12.97
C TYR B 44 -15.57 9.98 11.47
N GLU B 45 -15.06 11.02 10.79
CA GLU B 45 -15.19 11.07 9.29
C GLU B 45 -14.52 9.91 8.56
N ASP B 46 -13.38 9.47 9.10
CA ASP B 46 -12.66 8.27 8.54
C ASP B 46 -13.43 7.01 8.87
N LEU B 47 -13.84 6.87 10.14
CA LEU B 47 -14.23 5.53 10.64
C LEU B 47 -15.71 5.29 10.37
N ARG B 48 -16.46 6.34 9.97
CA ARG B 48 -17.88 6.12 9.57
C ARG B 48 -17.96 5.59 8.10
N ARG B 49 -16.82 5.50 7.46
CA ARG B 49 -16.64 5.08 6.04
C ARG B 49 -15.78 3.85 6.00
N GLY B 50 -15.96 3.06 4.94
CA GLY B 50 -14.96 2.04 4.56
C GLY B 50 -14.10 2.68 3.47
N GLU B 51 -13.67 1.88 2.50
CA GLU B 51 -12.90 2.41 1.41
C GLU B 51 -13.73 2.72 0.20
N ASN B 52 -14.98 2.30 0.15
CA ASN B 52 -15.85 2.66 -0.95
C ASN B 52 -16.59 3.98 -0.61
N LEU B 53 -16.20 5.04 -1.27
CA LEU B 53 -16.71 6.34 -0.85
C LEU B 53 -18.18 6.62 -1.17
N ARG B 54 -18.84 5.77 -1.95
CA ARG B 54 -20.28 5.93 -2.20
C ARG B 54 -21.14 5.83 -0.94
N PHE B 55 -20.64 5.18 0.11
CA PHE B 55 -21.42 4.85 1.34
C PHE B 55 -20.84 5.53 2.60
N VAL B 56 -21.63 6.41 3.24
CA VAL B 56 -21.18 7.09 4.44
C VAL B 56 -22.13 6.65 5.54
N GLY B 57 -21.60 5.92 6.51
CA GLY B 57 -22.39 5.46 7.66
C GLY B 57 -22.81 6.64 8.54
N ASP B 58 -23.90 6.43 9.25
CA ASP B 58 -24.29 7.28 10.36
C ASP B 58 -24.25 6.49 11.69
N PRO B 59 -23.21 5.68 12.00
CA PRO B 59 -23.26 4.99 13.27
C PRO B 59 -23.18 5.92 14.46
N GLU B 60 -23.82 5.52 15.57
CA GLU B 60 -23.74 6.27 16.85
C GLU B 60 -22.40 6.00 17.51
N GLU B 61 -21.88 4.78 17.33
CA GLU B 61 -20.61 4.38 17.96
C GLU B 61 -19.85 3.44 17.07
N ILE B 62 -18.52 3.63 17.03
CA ILE B 62 -17.59 2.74 16.37
C ILE B 62 -16.63 2.26 17.44
N HIS B 63 -16.58 0.96 17.63
CA HIS B 63 -15.80 0.38 18.67
C HIS B 63 -14.56 -0.26 18.03
N LEU B 64 -13.38 0.17 18.48
CA LEU B 64 -12.09 -0.40 18.05
C LEU B 64 -11.85 -1.58 18.98
N VAL B 65 -12.51 -2.70 18.66
CA VAL B 65 -12.48 -3.82 19.56
C VAL B 65 -11.05 -4.45 19.63
N GLY B 66 -10.72 -4.85 20.84
CA GLY B 66 -9.40 -5.39 21.16
C GLY B 66 -9.39 -6.89 21.36
N SER B 67 -10.56 -7.55 21.46
CA SER B 67 -10.53 -8.98 21.85
C SER B 67 -11.90 -9.60 21.63
N ALA B 68 -11.98 -10.92 21.63
CA ALA B 68 -13.29 -11.55 21.51
C ALA B 68 -14.22 -11.18 22.69
N ALA B 69 -13.66 -11.16 23.89
CA ALA B 69 -14.44 -10.83 25.12
C ALA B 69 -15.05 -9.46 24.94
N GLU B 70 -14.27 -8.52 24.40
CA GLU B 70 -14.86 -7.21 24.14
C GLU B 70 -16.01 -7.23 23.09
N ILE B 71 -15.82 -7.99 22.05
CA ILE B 71 -16.83 -8.08 21.01
C ILE B 71 -18.12 -8.64 21.60
N GLU B 72 -17.99 -9.63 22.46
CA GLU B 72 -19.19 -10.21 23.15
C GLU B 72 -20.01 -9.15 23.93
N GLN B 73 -19.29 -8.26 24.60
CA GLN B 73 -19.86 -7.14 25.37
C GLN B 73 -20.59 -6.13 24.49
N VAL B 74 -19.96 -5.73 23.38
CA VAL B 74 -20.58 -4.78 22.44
C VAL B 74 -21.87 -5.40 21.80
N LEU B 75 -21.75 -6.66 21.35
CA LEU B 75 -22.93 -7.36 20.72
C LEU B 75 -24.04 -7.50 21.73
N SER B 76 -23.68 -7.98 22.94
N SER B 76 -23.69 -8.00 22.92
CA SER B 76 -24.67 -8.14 24.03
CA SER B 76 -24.68 -8.18 23.97
C SER B 76 -25.44 -6.85 24.25
C SER B 76 -25.42 -6.86 24.25
N ARG B 77 -24.69 -5.75 24.41
CA ARG B 77 -25.30 -4.48 24.66
C ARG B 77 -26.22 -4.01 23.51
N ALA B 78 -25.76 -4.17 22.28
CA ALA B 78 -26.48 -3.79 21.07
C ALA B 78 -27.76 -4.63 20.94
N VAL B 79 -27.65 -5.91 21.19
CA VAL B 79 -28.85 -6.78 21.13
C VAL B 79 -29.93 -6.38 22.15
N ARG B 80 -29.51 -6.15 23.39
N ARG B 80 -29.47 -6.19 23.38
CA ARG B 80 -30.45 -5.69 24.43
CA ARG B 80 -30.30 -5.82 24.55
C ARG B 80 -31.13 -4.38 24.12
C ARG B 80 -30.92 -4.43 24.43
N SER B 81 -30.39 -3.42 23.56
N SER B 81 -30.40 -3.55 23.58
CA SER B 81 -30.99 -2.13 23.23
CA SER B 81 -31.05 -2.27 23.30
C SER B 81 -31.62 -2.10 21.85
C SER B 81 -31.71 -2.18 21.95
N GLY B 82 -31.55 -3.19 21.08
CA GLY B 82 -32.18 -3.18 19.76
C GLY B 82 -31.44 -2.41 18.68
N LYS B 83 -30.14 -2.20 18.85
CA LYS B 83 -29.38 -1.42 17.89
C LYS B 83 -28.73 -2.30 16.84
N ARG B 84 -28.83 -1.90 15.58
CA ARG B 84 -28.30 -2.68 14.44
C ARG B 84 -26.75 -2.58 14.41
N VAL B 85 -26.08 -3.71 14.19
CA VAL B 85 -24.58 -3.77 14.20
C VAL B 85 -24.04 -4.11 12.81
N ALA B 86 -22.78 -3.78 12.54
CA ALA B 86 -22.05 -4.40 11.44
C ALA B 86 -20.58 -4.41 11.81
N VAL B 87 -19.78 -5.28 11.19
CA VAL B 87 -18.35 -5.34 11.40
C VAL B 87 -17.62 -4.69 10.23
N ARG B 88 -16.55 -3.92 10.50
CA ARG B 88 -15.69 -3.45 9.44
C ARG B 88 -14.28 -4.03 9.69
N SER B 89 -13.72 -4.72 8.68
CA SER B 89 -12.34 -5.19 8.76
C SER B 89 -11.55 -4.31 7.81
N GLY B 90 -11.30 -4.77 6.59
CA GLY B 90 -10.53 -3.90 5.67
C GLY B 90 -11.31 -2.80 4.96
N GLY B 91 -12.66 -2.83 5.08
CA GLY B 91 -13.47 -1.70 4.58
C GLY B 91 -13.69 -1.79 3.06
N HIS B 92 -13.34 -2.90 2.38
CA HIS B 92 -13.42 -2.89 0.91
C HIS B 92 -14.80 -3.29 0.32
N CYS B 93 -15.80 -3.50 1.18
CA CYS B 93 -17.17 -3.87 0.67
C CYS B 93 -17.59 -3.00 -0.51
N TYR B 94 -18.01 -3.66 -1.61
CA TYR B 94 -18.49 -2.93 -2.73
C TYR B 94 -19.94 -2.43 -2.60
N GLU B 95 -20.69 -2.92 -1.60
CA GLU B 95 -22.09 -2.42 -1.38
C GLU B 95 -22.17 -1.80 0.00
N ASP B 96 -23.36 -1.30 0.35
CA ASP B 96 -23.59 -0.58 1.60
C ASP B 96 -23.78 -1.47 2.84
N PHE B 97 -23.19 -2.68 2.83
CA PHE B 97 -23.51 -3.61 3.92
C PHE B 97 -23.08 -3.11 5.30
N VAL B 98 -21.99 -2.35 5.37
CA VAL B 98 -21.55 -1.85 6.66
C VAL B 98 -22.01 -0.42 6.89
N ALA B 99 -21.99 0.39 5.81
CA ALA B 99 -22.26 1.83 5.91
C ALA B 99 -23.74 2.20 5.69
N ASN B 100 -24.62 1.23 5.46
CA ASN B 100 -26.08 1.42 5.47
C ASN B 100 -26.48 2.37 6.66
N SER B 101 -27.25 3.44 6.38
CA SER B 101 -27.67 4.35 7.41
C SER B 101 -28.41 3.71 8.61
N ASP B 102 -28.96 2.50 8.44
CA ASP B 102 -29.57 1.82 9.58
C ASP B 102 -28.62 1.27 10.63
N VAL B 103 -27.34 1.03 10.26
CA VAL B 103 -26.39 0.48 11.20
C VAL B 103 -26.05 1.54 12.26
N ARG B 104 -26.16 1.15 13.52
CA ARG B 104 -25.99 2.06 14.64
C ARG B 104 -24.68 1.84 15.38
N VAL B 105 -24.15 0.62 15.34
CA VAL B 105 -22.96 0.31 16.11
C VAL B 105 -22.03 -0.43 15.16
N VAL B 106 -20.81 0.05 15.00
CA VAL B 106 -19.83 -0.68 14.14
C VAL B 106 -18.76 -1.27 15.05
N MET B 107 -18.39 -2.51 14.78
CA MET B 107 -17.20 -3.06 15.39
C MET B 107 -16.11 -2.98 14.34
N ASP B 108 -15.08 -2.16 14.63
CA ASP B 108 -13.96 -1.97 13.70
C ASP B 108 -12.76 -2.85 14.18
N MET B 109 -12.19 -3.70 13.31
CA MET B 109 -11.23 -4.74 13.70
C MET B 109 -9.78 -4.26 13.54
N SER B 110 -9.56 -2.96 13.44
CA SER B 110 -8.19 -2.45 13.14
C SER B 110 -7.12 -2.84 14.19
N ARG B 111 -7.52 -3.04 15.44
CA ARG B 111 -6.55 -3.48 16.43
C ARG B 111 -6.15 -4.94 16.34
N LEU B 112 -6.98 -5.77 15.65
CA LEU B 112 -6.73 -7.20 15.57
C LEU B 112 -6.13 -7.50 14.23
N SER B 113 -4.85 -7.18 14.08
CA SER B 113 -4.23 -7.31 12.77
C SER B 113 -3.01 -8.24 12.82
N ALA B 114 -2.91 -9.10 13.84
CA ALA B 114 -1.77 -10.08 13.89
C ALA B 114 -1.86 -11.14 12.81
N VAL B 115 -0.66 -11.53 12.33
CA VAL B 115 -0.48 -12.69 11.44
C VAL B 115 0.68 -13.50 12.01
N GLY B 116 0.50 -14.82 12.19
CA GLY B 116 1.63 -15.61 12.71
C GLY B 116 1.34 -17.08 12.63
N PHE B 117 2.29 -17.89 13.04
CA PHE B 117 2.06 -19.31 13.22
C PHE B 117 1.68 -19.65 14.64
N ASP B 118 0.52 -20.28 14.83
CA ASP B 118 -0.03 -20.61 16.13
C ASP B 118 0.39 -22.06 16.45
N GLU B 119 1.41 -22.26 17.31
CA GLU B 119 1.83 -23.63 17.64
C GLU B 119 0.79 -24.40 18.45
N GLU B 120 -0.15 -23.70 19.12
CA GLU B 120 -1.23 -24.37 19.83
C GLU B 120 -2.08 -25.19 18.84
N ARG B 121 -2.31 -24.65 17.65
CA ARG B 121 -3.14 -25.38 16.68
C ARG B 121 -2.35 -25.95 15.52
N GLY B 122 -1.04 -25.67 15.43
CA GLY B 122 -0.29 -26.12 14.27
C GLY B 122 -0.83 -25.51 12.96
N ALA B 123 -1.17 -24.22 12.94
CA ALA B 123 -1.71 -23.58 11.71
C ALA B 123 -1.44 -22.09 11.82
N PHE B 124 -1.53 -21.40 10.70
CA PHE B 124 -1.21 -19.99 10.68
C PHE B 124 -2.43 -19.19 11.12
N ALA B 125 -2.29 -18.32 12.12
CA ALA B 125 -3.44 -17.49 12.57
C ALA B 125 -3.40 -16.13 11.92
N VAL B 126 -4.51 -15.74 11.30
CA VAL B 126 -4.69 -14.43 10.71
C VAL B 126 -5.86 -13.72 11.33
N GLU B 127 -5.60 -12.61 12.00
CA GLU B 127 -6.70 -11.88 12.65
C GLU B 127 -7.46 -11.09 11.58
N ALA B 128 -8.73 -10.77 11.87
CA ALA B 128 -9.64 -10.23 10.88
C ALA B 128 -9.17 -8.89 10.34
N GLY B 129 -8.53 -8.08 11.23
CA GLY B 129 -8.11 -6.74 10.82
C GLY B 129 -6.81 -6.71 10.01
N ALA B 130 -6.14 -7.87 9.78
CA ALA B 130 -4.89 -7.89 8.97
C ALA B 130 -5.21 -7.66 7.50
N THR B 131 -4.45 -6.80 6.82
CA THR B 131 -4.67 -6.61 5.39
C THR B 131 -3.91 -7.73 4.65
N LEU B 132 -4.36 -8.04 3.41
CA LEU B 132 -3.71 -9.13 2.63
C LEU B 132 -2.22 -8.81 2.40
N GLY B 133 -1.90 -7.54 2.21
CA GLY B 133 -0.48 -7.16 2.00
C GLY B 133 0.35 -7.61 3.20
N ALA B 134 -0.15 -7.33 4.41
CA ALA B 134 0.56 -7.70 5.60
C ALA B 134 0.63 -9.25 5.73
N VAL B 135 -0.47 -9.94 5.43
CA VAL B 135 -0.46 -11.38 5.45
C VAL B 135 0.58 -11.93 4.49
N TYR B 136 0.62 -11.42 3.26
CA TYR B 136 1.57 -12.08 2.32
C TYR B 136 3.05 -11.76 2.70
N LYS B 137 3.29 -10.54 3.18
CA LYS B 137 4.66 -10.13 3.53
C LYS B 137 5.13 -10.98 4.71
N THR B 138 4.30 -11.12 5.75
CA THR B 138 4.64 -11.92 6.92
C THR B 138 4.81 -13.39 6.55
N LEU B 139 3.78 -13.99 5.96
CA LEU B 139 3.89 -15.43 5.62
C LEU B 139 5.11 -15.73 4.75
N PHE B 140 5.44 -14.84 3.81
CA PHE B 140 6.45 -15.21 2.84
C PHE B 140 7.85 -14.87 3.41
N ARG B 141 8.01 -13.67 3.96
CA ARG B 141 9.39 -13.31 4.51
C ARG B 141 9.76 -14.21 5.65
N VAL B 142 8.80 -14.53 6.48
CA VAL B 142 9.12 -15.30 7.70
C VAL B 142 9.16 -16.80 7.51
N TRP B 143 8.20 -17.35 6.72
CA TRP B 143 8.09 -18.81 6.53
C TRP B 143 8.22 -19.27 5.10
N GLY B 144 8.32 -18.36 4.13
CA GLY B 144 8.42 -18.78 2.71
C GLY B 144 7.12 -19.40 2.12
N VAL B 145 5.97 -19.04 2.68
CA VAL B 145 4.67 -19.63 2.22
C VAL B 145 3.69 -18.54 1.90
N THR B 146 2.53 -18.87 1.36
CA THR B 146 1.56 -17.86 1.08
C THR B 146 0.15 -18.49 1.06
N LEU B 147 -0.83 -17.66 0.70
CA LEU B 147 -2.22 -18.15 0.54
C LEU B 147 -2.69 -17.61 -0.80
N PRO B 148 -3.51 -18.37 -1.54
CA PRO B 148 -3.94 -17.89 -2.86
C PRO B 148 -5.18 -16.94 -2.78
N GLY B 149 -5.04 -15.84 -2.05
CA GLY B 149 -6.11 -14.87 -1.87
C GLY B 149 -5.97 -13.74 -2.87
N GLY B 150 -6.70 -12.65 -2.61
CA GLY B 150 -6.81 -11.59 -3.55
C GLY B 150 -5.53 -10.80 -3.81
N ALA B 151 -5.56 -10.02 -4.88
CA ALA B 151 -4.36 -9.27 -5.35
C ALA B 151 -4.26 -7.85 -4.76
N CYS B 152 -5.35 -7.29 -4.22
CA CYS B 152 -5.31 -5.91 -3.65
C CYS B 152 -4.72 -5.99 -2.25
N PRO B 153 -3.59 -5.32 -2.01
CA PRO B 153 -2.96 -5.51 -0.70
C PRO B 153 -3.75 -4.93 0.46
N ASP B 154 -4.64 -3.95 0.23
CA ASP B 154 -5.29 -3.33 1.38
C ASP B 154 -6.61 -3.98 1.79
N VAL B 155 -6.99 -5.02 1.08
CA VAL B 155 -8.22 -5.73 1.43
C VAL B 155 -8.03 -6.37 2.82
N GLY B 156 -9.07 -6.45 3.67
CA GLY B 156 -8.88 -7.06 4.96
C GLY B 156 -9.20 -8.53 4.96
N ALA B 157 -8.41 -9.30 5.70
CA ALA B 157 -8.70 -10.72 5.86
C ALA B 157 -10.17 -10.97 6.32
N GLY B 158 -10.64 -10.16 7.29
CA GLY B 158 -11.96 -10.34 7.94
C GLY B 158 -13.09 -10.59 6.98
N GLY B 159 -13.24 -9.69 6.00
CA GLY B 159 -14.39 -9.67 5.06
C GLY B 159 -14.08 -10.45 3.79
N HIS B 160 -12.83 -10.89 3.61
CA HIS B 160 -12.34 -11.55 2.36
C HIS B 160 -12.36 -13.08 2.44
N ILE B 161 -11.63 -13.64 3.39
CA ILE B 161 -11.37 -15.09 3.41
C ILE B 161 -12.70 -15.88 3.48
N LEU B 162 -13.62 -15.47 4.37
CA LEU B 162 -14.91 -16.24 4.50
C LEU B 162 -15.81 -16.17 3.25
N GLY B 163 -15.52 -15.24 2.32
CA GLY B 163 -16.27 -15.19 1.03
C GLY B 163 -15.61 -15.94 -0.12
N GLY B 164 -14.47 -16.60 0.11
CA GLY B 164 -13.71 -17.23 -1.01
C GLY B 164 -12.95 -16.19 -1.79
N GLY B 165 -13.30 -15.96 -3.05
CA GLY B 165 -12.63 -14.92 -3.85
C GLY B 165 -11.62 -15.48 -4.86
N TYR B 166 -10.83 -14.63 -5.51
CA TYR B 166 -9.88 -15.20 -6.48
C TYR B 166 -8.56 -14.43 -6.24
N GLY B 167 -7.46 -14.94 -6.77
CA GLY B 167 -6.24 -14.11 -6.88
C GLY B 167 -5.31 -14.75 -7.88
N PRO B 168 -4.11 -14.16 -8.05
CA PRO B 168 -3.16 -14.66 -9.04
C PRO B 168 -2.83 -16.14 -8.89
N LEU B 169 -2.85 -16.66 -7.65
CA LEU B 169 -2.40 -18.04 -7.43
C LEU B 169 -3.59 -19.03 -7.27
N SER B 170 -4.80 -18.53 -7.52
CA SER B 170 -5.98 -19.47 -7.50
C SER B 170 -5.79 -20.71 -8.42
N ARG B 171 -5.37 -20.49 -9.66
CA ARG B 171 -5.15 -21.63 -10.56
C ARG B 171 -4.07 -22.56 -10.12
N MET B 172 -3.06 -22.03 -9.40
CA MET B 172 -1.96 -22.84 -8.96
C MET B 172 -2.27 -23.63 -7.68
N HIS B 173 -3.00 -22.98 -6.75
CA HIS B 173 -3.16 -23.52 -5.39
C HIS B 173 -4.61 -23.70 -4.93
N GLY B 174 -5.57 -23.29 -5.75
CA GLY B 174 -6.98 -23.51 -5.40
C GLY B 174 -7.49 -22.25 -4.63
N SER B 175 -8.67 -22.33 -4.02
CA SER B 175 -9.28 -21.19 -3.35
C SER B 175 -8.65 -21.04 -1.97
N ILE B 176 -8.61 -19.81 -1.49
CA ILE B 176 -8.13 -19.57 -0.13
C ILE B 176 -8.94 -20.42 0.88
N VAL B 177 -10.25 -20.68 0.61
CA VAL B 177 -11.03 -21.44 1.59
C VAL B 177 -10.61 -22.89 1.71
N ASP B 178 -9.87 -23.38 0.72
CA ASP B 178 -9.35 -24.75 0.76
C ASP B 178 -8.25 -24.91 1.79
N TYR B 179 -7.81 -23.81 2.42
CA TYR B 179 -6.82 -23.83 3.49
C TYR B 179 -7.41 -23.46 4.82
N LEU B 180 -8.73 -23.26 4.88
CA LEU B 180 -9.29 -22.87 6.17
C LEU B 180 -9.37 -24.07 7.10
N HIS B 181 -8.56 -24.02 8.14
CA HIS B 181 -8.49 -25.05 9.16
C HIS B 181 -9.49 -24.87 10.33
N ALA B 182 -9.69 -23.62 10.73
CA ALA B 182 -10.56 -23.26 11.87
C ALA B 182 -10.83 -21.79 11.84
N VAL B 183 -11.88 -21.38 12.58
CA VAL B 183 -12.29 -19.96 12.62
C VAL B 183 -12.81 -19.69 14.04
N GLU B 184 -12.45 -18.54 14.61
CA GLU B 184 -12.96 -18.12 15.91
C GLU B 184 -14.01 -17.06 15.62
N VAL B 185 -15.23 -17.26 16.11
N VAL B 185 -15.25 -17.33 16.05
CA VAL B 185 -16.32 -16.38 15.71
CA VAL B 185 -16.40 -16.50 15.69
C VAL B 185 -17.18 -16.08 16.90
C VAL B 185 -17.19 -16.09 16.93
N VAL B 186 -17.54 -14.81 17.05
CA VAL B 186 -18.41 -14.42 18.17
C VAL B 186 -19.82 -14.47 17.60
N VAL B 187 -20.67 -15.27 18.23
CA VAL B 187 -22.06 -15.46 17.74
C VAL B 187 -23.05 -15.06 18.85
N VAL B 188 -24.31 -14.85 18.46
CA VAL B 188 -25.36 -14.43 19.38
C VAL B 188 -26.41 -15.54 19.43
N ASP B 189 -26.69 -16.06 20.62
CA ASP B 189 -27.70 -17.16 20.74
C ASP B 189 -29.07 -16.57 20.73
N ALA B 190 -30.08 -17.44 20.73
CA ALA B 190 -31.48 -16.96 20.74
C ALA B 190 -31.72 -16.14 22.00
N SER B 191 -31.03 -16.46 23.09
CA SER B 191 -31.27 -15.76 24.37
C SER B 191 -30.75 -14.34 24.26
N GLY B 192 -30.01 -14.07 23.19
CA GLY B 192 -29.33 -12.76 23.01
C GLY B 192 -27.97 -12.67 23.71
N ASP B 193 -27.59 -13.72 24.41
CA ASP B 193 -26.20 -13.82 24.91
C ASP B 193 -25.20 -14.00 23.77
N ALA B 194 -24.02 -13.36 23.90
CA ALA B 194 -22.99 -13.45 22.85
C ALA B 194 -21.90 -14.42 23.38
N ARG B 195 -21.33 -15.28 22.53
CA ARG B 195 -20.30 -16.22 22.97
C ARG B 195 -19.34 -16.42 21.83
N THR B 196 -18.14 -16.85 22.16
CA THR B 196 -17.12 -17.08 21.14
C THR B 196 -16.93 -18.56 20.94
N VAL B 197 -16.94 -19.01 19.68
CA VAL B 197 -16.74 -20.43 19.41
C VAL B 197 -15.62 -20.63 18.44
N ILE B 198 -14.94 -21.74 18.56
CA ILE B 198 -13.91 -22.06 17.56
C ILE B 198 -14.54 -23.18 16.74
N ALA B 199 -14.62 -23.05 15.42
CA ALA B 199 -15.23 -24.08 14.60
C ALA B 199 -14.15 -24.59 13.64
N THR B 200 -14.05 -25.89 13.46
CA THR B 200 -12.94 -26.44 12.70
C THR B 200 -13.39 -27.35 11.57
N ARG B 201 -12.45 -27.59 10.66
CA ARG B 201 -12.53 -28.53 9.57
C ARG B 201 -12.68 -30.05 9.96
N GLU B 202 -12.47 -30.39 11.24
N GLU B 202 -12.44 -30.41 11.22
CA GLU B 202 -12.63 -31.73 11.79
CA GLU B 202 -12.55 -31.80 11.67
C GLU B 202 -14.10 -32.10 11.66
C GLU B 202 -14.02 -32.17 11.71
N PRO B 203 -14.42 -33.19 10.92
CA PRO B 203 -15.83 -33.56 10.74
C PRO B 203 -16.58 -33.90 12.03
N SER B 204 -15.87 -34.41 13.05
CA SER B 204 -16.47 -34.71 14.36
C SER B 204 -16.63 -33.48 15.23
N ASP B 205 -16.19 -32.31 14.77
CA ASP B 205 -16.31 -31.07 15.57
C ASP B 205 -17.82 -30.77 15.74
N PRO B 206 -18.29 -30.55 16.99
CA PRO B 206 -19.74 -30.19 17.10
C PRO B 206 -20.10 -28.90 16.35
N ASN B 207 -19.11 -28.02 16.10
CA ASN B 207 -19.31 -26.78 15.37
C ASN B 207 -18.84 -26.87 13.94
N HIS B 208 -18.75 -28.07 13.39
CA HIS B 208 -18.24 -28.25 12.00
C HIS B 208 -19.03 -27.46 10.98
N ASP B 209 -20.35 -27.41 11.14
N ASP B 209 -20.33 -27.39 11.15
CA ASP B 209 -21.15 -26.75 10.11
CA ASP B 209 -21.04 -26.77 10.07
C ASP B 209 -20.86 -25.26 10.03
C ASP B 209 -20.87 -25.25 10.03
N LEU B 210 -20.56 -24.67 11.19
CA LEU B 210 -20.23 -23.21 11.27
C LEU B 210 -18.90 -22.95 10.54
N TRP B 211 -17.92 -23.87 10.74
CA TRP B 211 -16.66 -23.83 9.98
C TRP B 211 -16.99 -23.85 8.49
N TRP B 212 -17.87 -24.78 8.06
CA TRP B 212 -18.14 -24.94 6.64
C TRP B 212 -18.71 -23.63 6.04
N ALA B 213 -19.61 -22.98 6.79
CA ALA B 213 -20.27 -21.75 6.31
C ALA B 213 -19.22 -20.64 6.11
N HIS B 214 -18.10 -20.76 6.80
CA HIS B 214 -16.96 -19.80 6.55
C HIS B 214 -16.01 -20.16 5.43
N THR B 215 -16.31 -21.24 4.69
CA THR B 215 -15.57 -21.50 3.43
C THR B 215 -16.31 -20.96 2.19
N GLY B 216 -16.86 -19.74 2.30
CA GLY B 216 -17.49 -19.12 1.15
C GLY B 216 -18.83 -18.45 1.45
N GLY B 217 -19.30 -18.53 2.69
CA GLY B 217 -20.67 -18.00 3.00
C GLY B 217 -20.65 -16.48 2.93
N GLY B 218 -19.45 -15.88 3.06
CA GLY B 218 -19.38 -14.41 2.90
C GLY B 218 -19.59 -13.64 4.22
N GLY B 219 -19.10 -12.39 4.22
CA GLY B 219 -19.13 -11.46 5.40
C GLY B 219 -20.56 -11.03 5.80
N GLY B 220 -20.70 -10.74 7.10
CA GLY B 220 -21.86 -9.98 7.58
C GLY B 220 -23.06 -10.93 7.79
N ASN B 221 -22.83 -12.22 7.78
CA ASN B 221 -23.89 -13.27 7.89
C ASN B 221 -24.03 -14.01 9.23
N PHE B 222 -22.95 -14.51 9.83
CA PHE B 222 -23.10 -15.50 10.94
C PHE B 222 -22.65 -15.02 12.30
N GLY B 223 -21.74 -14.03 12.32
CA GLY B 223 -21.19 -13.60 13.58
C GLY B 223 -19.87 -12.87 13.23
N VAL B 224 -19.13 -12.51 14.27
CA VAL B 224 -17.96 -11.66 14.06
C VAL B 224 -16.71 -12.57 14.04
N VAL B 225 -16.10 -12.78 12.86
CA VAL B 225 -14.80 -13.52 12.85
C VAL B 225 -13.74 -12.72 13.54
N VAL B 226 -13.10 -13.32 14.57
CA VAL B 226 -11.97 -12.68 15.26
C VAL B 226 -10.68 -13.04 14.53
N ARG B 227 -10.51 -14.33 14.27
CA ARG B 227 -9.28 -14.82 13.55
C ARG B 227 -9.59 -16.10 12.79
N TYR B 228 -8.81 -16.29 11.71
CA TYR B 228 -8.87 -17.53 10.91
C TYR B 228 -7.59 -18.33 11.14
N TRP B 229 -7.67 -19.67 11.09
CA TRP B 229 -6.46 -20.49 11.05
C TRP B 229 -6.39 -21.23 9.78
N LEU B 230 -5.21 -21.15 9.17
CA LEU B 230 -5.06 -21.70 7.82
C LEU B 230 -3.90 -22.70 7.74
N ARG B 231 -4.13 -23.81 7.05
N ARG B 231 -4.12 -23.80 7.03
CA ARG B 231 -3.07 -24.77 6.78
CA ARG B 231 -3.12 -24.86 6.89
C ARG B 231 -3.57 -25.74 5.74
C ARG B 231 -3.58 -25.75 5.76
N THR B 232 -2.62 -26.38 5.08
CA THR B 232 -2.98 -27.37 4.04
C THR B 232 -3.76 -28.53 4.67
N ALA B 233 -4.69 -29.13 3.90
CA ALA B 233 -5.39 -30.30 4.40
C ALA B 233 -4.59 -31.55 4.16
N GLU B 234 -3.51 -31.48 3.37
CA GLU B 234 -2.60 -32.66 3.11
C GLU B 234 -2.29 -33.43 4.39
N ALA B 235 -2.45 -34.75 4.30
CA ALA B 235 -2.15 -35.69 5.41
C ALA B 235 -0.65 -36.01 5.59
N ASP B 236 0.08 -36.14 4.48
CA ASP B 236 1.48 -36.67 4.55
C ASP B 236 2.48 -35.53 4.79
N VAL B 237 2.04 -34.51 5.58
CA VAL B 237 2.81 -33.23 5.77
C VAL B 237 3.41 -33.06 7.23
N PRO B 238 4.76 -32.96 7.31
CA PRO B 238 5.48 -32.71 8.59
C PRO B 238 5.05 -31.36 9.20
N PRO B 239 4.95 -31.28 10.54
CA PRO B 239 4.35 -30.19 11.31
C PRO B 239 5.25 -28.93 11.39
N GLU B 240 5.98 -28.63 10.31
CA GLU B 240 6.77 -27.39 10.25
C GLU B 240 6.06 -26.33 9.46
N PRO B 241 6.05 -25.08 9.98
CA PRO B 241 5.31 -24.00 9.27
C PRO B 241 5.63 -23.87 7.79
N GLY B 242 6.91 -24.02 7.41
CA GLY B 242 7.30 -23.82 6.00
C GLY B 242 6.75 -24.84 5.02
N ARG B 243 6.15 -25.90 5.56
CA ARG B 243 5.53 -26.97 4.75
C ARG B 243 4.01 -26.96 4.90
N LEU B 244 3.47 -26.07 5.74
CA LEU B 244 2.04 -26.18 6.10
C LEU B 244 1.10 -25.28 5.26
N LEU B 245 1.68 -24.41 4.43
CA LEU B 245 0.92 -23.62 3.44
C LEU B 245 1.69 -23.70 2.13
N PRO B 246 1.04 -23.41 1.02
CA PRO B 246 1.68 -23.55 -0.31
C PRO B 246 2.83 -22.54 -0.53
N ARG B 247 3.76 -22.94 -1.35
CA ARG B 247 4.84 -22.02 -1.75
C ARG B 247 4.47 -21.31 -3.08
N PRO B 248 4.71 -20.00 -3.18
CA PRO B 248 4.48 -19.35 -4.43
C PRO B 248 5.65 -19.70 -5.41
N PRO B 249 5.47 -19.35 -6.72
CA PRO B 249 6.58 -19.51 -7.69
C PRO B 249 7.65 -18.51 -7.20
N ALA B 250 8.93 -18.91 -7.10
CA ALA B 250 9.95 -18.01 -6.48
C ALA B 250 10.13 -16.68 -7.26
N GLU B 251 9.96 -16.76 -8.59
CA GLU B 251 10.09 -15.61 -9.49
C GLU B 251 9.00 -15.76 -10.52
N VAL B 252 8.53 -14.64 -11.05
CA VAL B 252 7.51 -14.65 -12.11
C VAL B 252 7.88 -13.73 -13.24
N LEU B 253 7.39 -14.04 -14.46
CA LEU B 253 7.42 -13.10 -15.56
C LEU B 253 6.11 -12.33 -15.49
N LEU B 254 6.17 -11.04 -15.76
CA LEU B 254 4.97 -10.19 -15.72
C LEU B 254 4.93 -9.43 -17.03
N ASN B 255 3.80 -9.51 -17.72
CA ASN B 255 3.71 -8.90 -19.01
C ASN B 255 2.54 -7.92 -19.02
N THR B 256 2.77 -6.77 -19.64
CA THR B 256 1.72 -5.84 -20.02
C THR B 256 1.58 -5.84 -21.53
N THR B 257 0.38 -6.10 -22.05
CA THR B 257 0.15 -6.05 -23.49
C THR B 257 -0.94 -5.02 -23.73
N VAL B 258 -0.76 -4.14 -24.72
CA VAL B 258 -1.73 -3.07 -24.97
C VAL B 258 -2.07 -3.04 -26.42
N TRP B 259 -3.36 -3.00 -26.76
CA TRP B 259 -3.75 -2.82 -28.17
C TRP B 259 -4.44 -1.46 -28.32
N PRO B 260 -3.93 -0.59 -29.20
CA PRO B 260 -4.67 0.65 -29.49
C PRO B 260 -6.08 0.39 -30.04
N TRP B 261 -7.04 1.13 -29.48
CA TRP B 261 -8.43 1.09 -29.89
C TRP B 261 -8.63 1.73 -31.26
N GLU B 262 -7.81 2.72 -31.62
CA GLU B 262 -7.91 3.43 -32.91
C GLU B 262 -7.55 2.40 -33.99
N GLY B 263 -8.45 2.23 -34.95
CA GLY B 263 -8.22 1.23 -36.00
C GLY B 263 -8.30 -0.21 -35.50
N LEU B 264 -8.94 -0.45 -34.34
CA LEU B 264 -9.37 -1.82 -33.96
C LEU B 264 -10.89 -1.89 -34.16
N ASP B 265 -11.29 -2.62 -35.20
CA ASP B 265 -12.70 -2.66 -35.57
C ASP B 265 -13.42 -3.83 -34.93
N GLU B 266 -14.71 -3.96 -35.20
CA GLU B 266 -15.50 -5.02 -34.53
C GLU B 266 -14.97 -6.44 -34.77
N ALA B 267 -14.56 -6.74 -35.99
CA ALA B 267 -14.08 -8.08 -36.27
C ALA B 267 -12.81 -8.35 -35.49
N ALA B 268 -11.97 -7.34 -35.39
CA ALA B 268 -10.73 -7.45 -34.64
C ALA B 268 -11.00 -7.66 -33.15
N PHE B 269 -11.85 -6.83 -32.56
CA PHE B 269 -12.27 -7.01 -31.18
C PHE B 269 -12.78 -8.43 -30.97
N ALA B 270 -13.70 -8.83 -31.84
CA ALA B 270 -14.28 -10.15 -31.71
C ALA B 270 -13.23 -11.27 -31.80
N ARG B 271 -12.26 -11.17 -32.71
CA ARG B 271 -11.30 -12.23 -32.85
C ARG B 271 -10.48 -12.30 -31.55
N LEU B 272 -10.17 -11.14 -30.99
CA LEU B 272 -9.36 -11.10 -29.73
C LEU B 272 -10.06 -11.81 -28.60
N VAL B 273 -11.35 -11.47 -28.39
CA VAL B 273 -12.12 -12.01 -27.27
C VAL B 273 -12.30 -13.51 -27.50
N ARG B 274 -12.55 -13.92 -28.76
CA ARG B 274 -12.72 -15.32 -29.07
C ARG B 274 -11.42 -16.12 -28.88
N ASN B 275 -10.29 -15.58 -29.33
CA ASN B 275 -9.00 -16.25 -29.11
C ASN B 275 -8.78 -16.50 -27.62
N HIS B 276 -8.94 -15.44 -26.83
CA HIS B 276 -8.69 -15.53 -25.40
C HIS B 276 -9.63 -16.61 -24.80
N GLY B 277 -10.90 -16.52 -25.20
CA GLY B 277 -11.92 -17.41 -24.64
C GLY B 277 -11.60 -18.86 -24.93
N ARG B 278 -11.26 -19.15 -26.19
CA ARG B 278 -10.96 -20.51 -26.55
C ARG B 278 -9.77 -21.01 -25.76
N TRP B 279 -8.74 -20.15 -25.62
CA TRP B 279 -7.55 -20.50 -24.84
C TRP B 279 -7.91 -20.95 -23.38
N PHE B 280 -8.78 -20.20 -22.72
CA PHE B 280 -9.16 -20.53 -21.37
C PHE B 280 -10.10 -21.71 -21.28
N GLU B 281 -10.87 -21.95 -22.35
CA GLU B 281 -11.71 -23.17 -22.41
C GLU B 281 -10.82 -24.39 -22.42
N GLN B 282 -9.73 -24.30 -23.15
N GLN B 282 -9.72 -24.31 -23.17
CA GLN B 282 -8.87 -25.48 -23.33
CA GLN B 282 -8.81 -25.45 -23.36
C GLN B 282 -7.82 -25.64 -22.24
C GLN B 282 -7.84 -25.65 -22.20
N ASN B 283 -7.44 -24.55 -21.57
CA ASN B 283 -6.29 -24.59 -20.64
C ASN B 283 -6.57 -24.16 -19.22
N SER B 284 -7.67 -24.61 -18.62
CA SER B 284 -8.00 -24.23 -17.23
C SER B 284 -8.46 -25.47 -16.40
N GLY B 285 -8.21 -26.67 -16.89
CA GLY B 285 -8.43 -27.89 -16.07
C GLY B 285 -7.44 -27.97 -14.89
N PRO B 286 -7.79 -28.73 -13.84
CA PRO B 286 -6.91 -28.80 -12.68
C PRO B 286 -5.59 -29.50 -13.01
N ASP B 287 -5.52 -30.28 -14.10
CA ASP B 287 -4.27 -30.98 -14.51
C ASP B 287 -3.52 -30.19 -15.57
N SER B 288 -4.02 -29.00 -15.92
CA SER B 288 -3.41 -28.24 -17.00
C SER B 288 -1.97 -27.82 -16.55
N PRO B 289 -0.98 -27.91 -17.48
CA PRO B 289 0.31 -27.29 -17.17
C PRO B 289 0.21 -25.77 -17.07
N TRP B 290 -0.93 -25.17 -17.44
CA TRP B 290 -1.07 -23.75 -17.40
C TRP B 290 -1.67 -23.27 -16.09
N CYS B 291 -1.72 -24.14 -15.09
CA CYS B 291 -2.15 -23.69 -13.74
C CYS B 291 -1.24 -22.62 -13.15
N ASP B 292 -0.03 -22.50 -13.70
CA ASP B 292 0.93 -21.49 -13.24
C ASP B 292 0.83 -20.14 -13.97
N LEU B 293 -0.17 -19.99 -14.82
CA LEU B 293 -0.47 -18.74 -15.54
C LEU B 293 -1.68 -18.06 -14.94
N TYR B 294 -1.57 -16.74 -14.75
CA TYR B 294 -2.70 -15.87 -14.42
C TYR B 294 -2.72 -14.70 -15.33
N SER B 295 -3.90 -14.28 -15.77
CA SER B 295 -3.95 -13.04 -16.57
C SER B 295 -5.28 -12.32 -16.38
N VAL B 296 -5.30 -11.01 -16.67
CA VAL B 296 -6.54 -10.30 -16.68
C VAL B 296 -6.57 -9.55 -18.00
N LEU B 297 -7.63 -9.79 -18.79
CA LEU B 297 -7.84 -9.08 -20.05
C LEU B 297 -8.89 -8.00 -19.77
N ALA B 298 -8.46 -6.74 -19.89
CA ALA B 298 -9.36 -5.59 -19.70
C ALA B 298 -9.97 -5.11 -20.99
N LEU B 299 -11.27 -5.39 -21.17
CA LEU B 299 -12.03 -4.89 -22.33
C LEU B 299 -12.56 -3.51 -21.94
N THR B 300 -11.87 -2.50 -22.40
CA THR B 300 -12.07 -1.12 -21.95
C THR B 300 -12.95 -0.36 -22.95
N ARG B 301 -13.53 0.75 -22.51
CA ARG B 301 -14.16 1.70 -23.41
C ARG B 301 -13.19 2.19 -24.47
N SER B 302 -13.70 2.31 -25.69
CA SER B 302 -12.82 2.79 -26.79
C SER B 302 -12.36 4.25 -26.51
N GLN B 303 -13.18 5.02 -25.79
CA GLN B 303 -12.80 6.34 -25.26
C GLN B 303 -11.43 6.36 -24.53
N SER B 304 -11.07 5.23 -23.93
CA SER B 304 -9.84 5.09 -23.15
C SER B 304 -8.59 5.04 -24.03
N GLY B 305 -8.74 4.71 -25.31
CA GLY B 305 -7.62 4.65 -26.23
C GLY B 305 -6.94 3.29 -26.38
N ALA B 306 -7.11 2.37 -25.43
CA ALA B 306 -6.39 1.09 -25.52
C ALA B 306 -7.10 -0.06 -24.78
N LEU B 307 -7.11 -1.25 -25.38
CA LEU B 307 -7.46 -2.51 -24.65
C LEU B 307 -6.15 -2.94 -23.97
N ALA B 308 -6.20 -3.63 -22.83
CA ALA B 308 -4.95 -4.06 -22.14
C ALA B 308 -5.08 -5.43 -21.50
N MET B 309 -3.96 -6.11 -21.30
CA MET B 309 -3.95 -7.42 -20.67
C MET B 309 -2.69 -7.53 -19.85
N THR B 310 -2.85 -8.00 -18.62
CA THR B 310 -1.72 -8.22 -17.72
C THR B 310 -1.60 -9.72 -17.48
N THR B 311 -0.37 -10.26 -17.53
CA THR B 311 -0.20 -11.71 -17.45
C THR B 311 0.94 -11.99 -16.50
N GLN B 312 0.78 -13.00 -15.65
CA GLN B 312 1.82 -13.47 -14.77
C GLN B 312 2.05 -14.95 -15.05
N LEU B 313 3.32 -15.35 -15.10
CA LEU B 313 3.65 -16.75 -15.29
C LEU B 313 4.83 -17.12 -14.41
N ASP B 314 4.77 -18.28 -13.75
CA ASP B 314 5.91 -18.78 -13.01
C ASP B 314 7.13 -18.75 -13.95
N ALA B 315 8.26 -18.17 -13.49
CA ALA B 315 9.44 -18.02 -14.32
C ALA B 315 10.49 -19.08 -14.05
N THR B 316 10.25 -20.00 -13.14
CA THR B 316 11.32 -20.82 -12.59
C THR B 316 11.51 -22.15 -13.35
N GLY B 317 10.55 -22.49 -14.18
CA GLY B 317 10.63 -23.71 -14.97
C GLY B 317 11.36 -23.42 -16.27
N PRO B 318 11.63 -24.52 -17.07
CA PRO B 318 12.61 -24.51 -18.17
C PRO B 318 12.26 -23.56 -19.36
N ASP B 319 11.00 -23.48 -19.71
CA ASP B 319 10.70 -22.85 -20.96
C ASP B 319 9.79 -21.64 -20.72
N ALA B 320 9.98 -20.96 -19.60
CA ALA B 320 8.98 -19.97 -19.21
C ALA B 320 8.80 -18.84 -20.18
N GLU B 321 9.91 -18.24 -20.66
N GLU B 321 9.88 -18.24 -20.69
CA GLU B 321 9.84 -17.18 -21.67
CA GLU B 321 9.67 -17.11 -21.63
C GLU B 321 8.97 -17.57 -22.88
C GLU B 321 9.00 -17.52 -22.96
N LYS B 322 9.25 -18.75 -23.42
CA LYS B 322 8.62 -19.27 -24.63
C LYS B 322 7.13 -19.53 -24.34
N ARG B 323 6.85 -20.12 -23.19
CA ARG B 323 5.43 -20.38 -22.82
C ARG B 323 4.65 -19.08 -22.73
N LEU B 324 5.22 -18.06 -22.08
CA LEU B 324 4.55 -16.76 -22.07
C LEU B 324 4.24 -16.27 -23.48
N GLU B 325 5.24 -16.31 -24.37
CA GLU B 325 5.04 -15.86 -25.75
C GLU B 325 3.94 -16.69 -26.49
N THR B 326 3.88 -17.99 -26.22
CA THR B 326 2.84 -18.85 -26.80
C THR B 326 1.42 -18.37 -26.38
N TYR B 327 1.23 -18.11 -25.08
CA TYR B 327 -0.03 -17.52 -24.63
C TYR B 327 -0.28 -16.19 -25.32
N LEU B 328 0.71 -15.27 -25.30
CA LEU B 328 0.42 -13.98 -25.90
C LEU B 328 0.11 -14.06 -27.39
N ALA B 329 0.80 -14.96 -28.08
CA ALA B 329 0.62 -15.12 -29.52
C ALA B 329 -0.76 -15.68 -29.80
N ALA B 330 -1.21 -16.57 -28.95
CA ALA B 330 -2.60 -17.14 -29.12
C ALA B 330 -3.66 -16.04 -28.99
N VAL B 331 -3.49 -15.16 -27.96
CA VAL B 331 -4.49 -14.10 -27.75
C VAL B 331 -4.55 -13.13 -28.97
N SER B 332 -3.39 -12.82 -29.55
CA SER B 332 -3.35 -11.84 -30.64
C SER B 332 -3.54 -12.42 -32.04
N GLU B 333 -3.65 -13.74 -32.17
CA GLU B 333 -3.54 -14.41 -33.47
C GLU B 333 -4.64 -13.91 -34.41
N GLY B 334 -4.25 -13.46 -35.61
CA GLY B 334 -5.20 -13.02 -36.65
C GLY B 334 -6.01 -11.78 -36.32
N VAL B 335 -5.69 -11.13 -35.20
CA VAL B 335 -6.40 -9.89 -34.78
C VAL B 335 -6.05 -8.71 -35.71
N GLY B 336 -4.84 -8.68 -36.25
CA GLY B 336 -4.50 -7.57 -37.21
C GLY B 336 -4.17 -6.20 -36.57
N VAL B 337 -4.05 -6.14 -35.24
CA VAL B 337 -3.59 -4.94 -34.52
C VAL B 337 -2.40 -5.47 -33.73
N GLN B 338 -1.22 -4.88 -33.95
CA GLN B 338 0.01 -5.32 -33.30
C GLN B 338 0.00 -4.85 -31.85
N PRO B 339 0.17 -5.78 -30.87
CA PRO B 339 0.12 -5.24 -29.51
C PRO B 339 1.47 -4.60 -29.14
N HIS B 340 1.48 -3.60 -28.25
N HIS B 340 1.46 -3.65 -28.22
CA HIS B 340 2.71 -3.21 -27.53
CA HIS B 340 2.68 -3.23 -27.56
C HIS B 340 2.82 -4.20 -26.37
C HIS B 340 2.83 -4.17 -26.36
N SER B 341 3.98 -4.83 -26.21
CA SER B 341 4.18 -5.85 -25.17
C SER B 341 5.46 -5.61 -24.41
N ASP B 342 5.36 -5.50 -23.09
CA ASP B 342 6.60 -5.49 -22.32
C ASP B 342 6.55 -6.45 -21.13
N THR B 343 7.63 -7.22 -21.00
CA THR B 343 7.80 -8.27 -19.98
C THR B 343 8.91 -7.96 -19.02
N ARG B 344 8.69 -8.10 -17.72
CA ARG B 344 9.74 -7.93 -16.72
C ARG B 344 9.70 -9.22 -15.87
N ARG B 345 10.78 -9.48 -15.17
CA ARG B 345 10.84 -10.62 -14.28
C ARG B 345 11.14 -10.08 -12.87
N LEU B 346 10.39 -10.58 -11.88
CA LEU B 346 10.59 -10.17 -10.50
C LEU B 346 10.56 -11.35 -9.57
N PRO B 347 11.25 -11.21 -8.41
CA PRO B 347 11.10 -12.15 -7.29
C PRO B 347 9.65 -12.08 -6.77
N TRP B 348 9.12 -13.20 -6.30
CA TRP B 348 7.65 -13.32 -6.04
C TRP B 348 7.08 -12.20 -5.14
N LEU B 349 7.67 -11.95 -3.97
CA LEU B 349 7.02 -10.97 -3.08
C LEU B 349 7.00 -9.60 -3.67
N HIS B 350 8.12 -9.20 -4.30
CA HIS B 350 8.15 -7.95 -5.01
C HIS B 350 7.05 -7.94 -6.12
N SER B 351 6.85 -9.07 -6.84
CA SER B 351 5.87 -9.05 -7.96
C SER B 351 4.48 -8.73 -7.42
N THR B 352 4.20 -9.10 -6.17
CA THR B 352 2.79 -8.96 -5.68
C THR B 352 2.40 -7.48 -5.55
N ARG B 353 3.40 -6.60 -5.45
CA ARG B 353 3.12 -5.17 -5.29
C ARG B 353 3.27 -4.36 -6.54
N TRP B 354 3.64 -5.01 -7.62
CA TRP B 354 3.62 -4.36 -8.91
C TRP B 354 2.16 -4.01 -9.29
N PRO B 355 1.89 -2.72 -9.59
CA PRO B 355 0.50 -2.26 -9.82
C PRO B 355 -0.19 -3.00 -10.91
N GLY B 356 0.54 -3.59 -11.84
CA GLY B 356 -0.15 -4.40 -12.85
C GLY B 356 -0.94 -5.54 -12.23
N ILE B 357 -0.44 -6.07 -11.12
CA ILE B 357 -1.10 -7.18 -10.42
C ILE B 357 -1.92 -6.62 -9.26
N ALA B 358 -1.36 -5.65 -8.52
CA ALA B 358 -1.93 -5.23 -7.23
C ALA B 358 -3.03 -4.23 -7.40
N GLY B 359 -3.06 -3.58 -8.55
CA GLY B 359 -3.96 -2.40 -8.79
C GLY B 359 -3.30 -1.10 -8.38
N ASP B 360 -4.01 0.01 -8.52
CA ASP B 360 -3.37 1.30 -8.29
C ASP B 360 -3.53 1.88 -6.89
N GLY B 361 -4.23 1.21 -6.01
CA GLY B 361 -4.36 1.82 -4.66
C GLY B 361 -5.17 3.12 -4.60
N ASP B 362 -5.99 3.38 -5.62
CA ASP B 362 -6.78 4.60 -5.57
C ASP B 362 -8.24 4.26 -5.31
N MET B 363 -8.66 4.47 -4.07
CA MET B 363 -10.08 4.26 -3.68
C MET B 363 -10.85 5.57 -3.50
N THR B 364 -10.38 6.62 -4.15
CA THR B 364 -10.97 7.92 -3.91
C THR B 364 -12.13 8.27 -4.85
N GLY B 365 -12.41 7.38 -5.81
CA GLY B 365 -13.46 7.68 -6.81
C GLY B 365 -14.81 7.06 -6.38
N ARG B 366 -15.75 6.91 -7.33
CA ARG B 366 -17.04 6.20 -7.11
C ARG B 366 -17.10 5.06 -8.11
N ALA B 367 -17.59 3.87 -7.72
CA ALA B 367 -17.61 2.73 -8.62
C ALA B 367 -18.85 1.90 -8.39
N LYS B 368 -19.36 1.27 -9.47
CA LYS B 368 -20.36 0.23 -9.30
C LYS B 368 -19.76 -1.00 -10.00
N ILE B 369 -19.79 -2.15 -9.32
CA ILE B 369 -19.18 -3.38 -9.83
C ILE B 369 -20.26 -4.47 -9.95
N LYS B 370 -20.11 -5.37 -10.94
CA LYS B 370 -20.98 -6.55 -11.10
C LYS B 370 -20.04 -7.67 -11.46
N ALA B 371 -20.48 -8.94 -11.37
CA ALA B 371 -19.54 -10.07 -11.43
C ALA B 371 -20.32 -11.24 -12.04
N ALA B 372 -19.60 -12.23 -12.60
CA ALA B 372 -20.23 -13.46 -13.12
C ALA B 372 -19.12 -14.51 -13.17
N TYR B 373 -19.48 -15.77 -12.95
CA TYR B 373 -18.66 -16.92 -13.37
C TYR B 373 -18.95 -17.27 -14.83
N ALA B 374 -17.90 -17.59 -15.57
CA ALA B 374 -18.05 -18.04 -16.94
C ALA B 374 -17.56 -19.48 -16.99
N ARG B 375 -18.42 -20.42 -17.45
CA ARG B 375 -18.04 -21.82 -17.64
C ARG B 375 -17.55 -22.01 -19.08
N ARG B 376 -18.04 -21.15 -19.98
N ARG B 376 -18.01 -21.13 -19.97
CA ARG B 376 -17.60 -21.08 -21.39
CA ARG B 376 -17.54 -21.07 -21.35
C ARG B 376 -17.34 -19.63 -21.64
C ARG B 376 -17.41 -19.62 -21.69
N SER B 377 -16.66 -19.30 -22.74
CA SER B 377 -16.36 -17.89 -23.02
C SER B 377 -17.54 -17.24 -23.73
N PHE B 378 -17.50 -15.94 -23.91
CA PHE B 378 -18.59 -15.18 -24.49
C PHE B 378 -18.99 -15.71 -25.89
N ASP B 379 -20.29 -15.85 -26.11
CA ASP B 379 -20.79 -16.22 -27.43
C ASP B 379 -20.82 -15.00 -28.38
N ASP B 380 -21.12 -15.20 -29.67
CA ASP B 380 -21.04 -14.13 -30.66
C ASP B 380 -21.94 -12.96 -30.34
N ARG B 381 -23.12 -13.26 -29.83
CA ARG B 381 -24.07 -12.22 -29.45
C ARG B 381 -23.52 -11.33 -28.34
N GLN B 382 -23.04 -11.99 -27.29
CA GLN B 382 -22.42 -11.27 -26.14
C GLN B 382 -21.23 -10.44 -26.58
N ILE B 383 -20.36 -10.99 -27.44
CA ILE B 383 -19.22 -10.21 -27.96
C ILE B 383 -19.70 -8.95 -28.72
N GLY B 384 -20.75 -9.10 -29.52
CA GLY B 384 -21.34 -7.95 -30.21
C GLY B 384 -21.87 -6.89 -29.27
N THR B 385 -22.55 -7.30 -28.20
CA THR B 385 -23.15 -6.39 -27.19
C THR B 385 -22.02 -5.62 -26.49
N LEU B 386 -20.95 -6.35 -26.17
CA LEU B 386 -19.75 -5.76 -25.56
C LEU B 386 -19.12 -4.73 -26.49
N TYR B 387 -18.98 -5.07 -27.77
CA TYR B 387 -18.43 -4.10 -28.68
C TYR B 387 -19.29 -2.83 -28.71
N THR B 388 -20.60 -3.01 -28.77
CA THR B 388 -21.49 -1.87 -28.90
C THR B 388 -21.42 -0.95 -27.69
N ARG B 389 -21.58 -1.55 -26.51
CA ARG B 389 -21.51 -0.85 -25.23
C ARG B 389 -20.19 -0.15 -24.96
N LEU B 390 -19.08 -0.77 -25.35
CA LEU B 390 -17.75 -0.19 -25.09
C LEU B 390 -17.33 0.91 -26.09
N THR B 391 -17.92 0.93 -27.29
CA THR B 391 -17.66 1.94 -28.32
C THR B 391 -18.74 3.02 -28.35
N SER B 392 -19.85 2.79 -27.64
CA SER B 392 -21.00 3.68 -27.62
C SER B 392 -20.63 5.16 -27.43
N THR B 393 -21.19 6.02 -28.27
CA THR B 393 -21.01 7.45 -28.04
C THR B 393 -22.24 8.02 -27.33
N ASP B 394 -23.20 7.18 -26.94
CA ASP B 394 -24.33 7.60 -26.11
C ASP B 394 -23.95 7.70 -24.64
N TYR B 395 -22.82 7.10 -24.30
CA TYR B 395 -22.26 7.18 -22.94
C TYR B 395 -20.95 7.96 -23.01
N ASP B 396 -20.58 8.61 -21.94
CA ASP B 396 -19.31 9.33 -21.91
C ASP B 396 -18.56 9.01 -20.59
N ASN B 397 -17.64 8.07 -20.69
CA ASN B 397 -16.79 7.72 -19.56
C ASN B 397 -15.72 6.80 -20.10
N PRO B 398 -14.45 7.25 -20.09
CA PRO B 398 -13.42 6.30 -20.53
C PRO B 398 -13.14 5.13 -19.55
N ALA B 399 -13.69 5.20 -18.31
CA ALA B 399 -13.31 4.27 -17.22
C ALA B 399 -14.16 3.04 -17.15
N GLY B 400 -14.97 2.74 -18.15
CA GLY B 400 -15.76 1.50 -18.05
C GLY B 400 -14.91 0.32 -18.50
N VAL B 401 -14.98 -0.81 -17.79
N VAL B 401 -14.97 -0.81 -17.80
CA VAL B 401 -14.23 -2.01 -18.15
CA VAL B 401 -14.19 -1.99 -18.21
C VAL B 401 -15.04 -3.28 -17.95
C VAL B 401 -14.90 -3.32 -17.89
N VAL B 402 -14.83 -4.27 -18.81
CA VAL B 402 -15.22 -5.63 -18.51
C VAL B 402 -13.90 -6.36 -18.44
N ALA B 403 -13.56 -6.88 -17.26
CA ALA B 403 -12.31 -7.59 -17.03
C ALA B 403 -12.54 -9.11 -16.99
N LEU B 404 -11.76 -9.82 -17.78
CA LEU B 404 -11.83 -11.30 -17.81
C LEU B 404 -10.68 -11.87 -17.07
N ILE B 405 -10.97 -12.54 -15.94
CA ILE B 405 -9.87 -12.95 -14.99
C ILE B 405 -9.67 -14.44 -15.13
N ALA B 406 -8.46 -14.88 -15.45
CA ALA B 406 -8.10 -16.33 -15.54
C ALA B 406 -8.49 -17.05 -14.24
N TYR B 407 -9.15 -18.23 -14.33
CA TYR B 407 -9.60 -18.87 -13.13
C TYR B 407 -9.66 -20.39 -13.38
N GLY B 408 -10.31 -21.14 -12.49
CA GLY B 408 -10.27 -22.63 -12.50
C GLY B 408 -8.90 -23.17 -12.08
N GLY B 409 -8.28 -23.99 -12.94
CA GLY B 409 -7.09 -24.70 -12.51
C GLY B 409 -7.34 -25.50 -11.23
N LYS B 410 -6.47 -25.35 -10.23
CA LYS B 410 -6.59 -26.13 -9.02
C LYS B 410 -7.84 -25.80 -8.17
N VAL B 411 -8.44 -24.63 -8.40
CA VAL B 411 -9.77 -24.39 -7.80
C VAL B 411 -10.71 -25.58 -8.17
N ASN B 412 -10.57 -26.14 -9.39
CA ASN B 412 -11.60 -27.03 -9.88
C ASN B 412 -11.25 -28.48 -9.54
N ALA B 413 -10.16 -28.69 -8.76
CA ALA B 413 -9.85 -29.99 -8.23
C ALA B 413 -10.74 -30.38 -7.06
N VAL B 414 -11.49 -29.42 -6.50
CA VAL B 414 -12.20 -29.62 -5.22
C VAL B 414 -13.66 -29.93 -5.56
N PRO B 415 -14.24 -30.96 -4.92
CA PRO B 415 -15.66 -31.21 -5.16
C PRO B 415 -16.50 -29.95 -4.83
N ALA B 416 -17.53 -29.71 -5.63
CA ALA B 416 -18.44 -28.62 -5.47
C ALA B 416 -19.14 -28.51 -4.10
N ASP B 417 -19.25 -29.61 -3.36
CA ASP B 417 -19.97 -29.59 -2.06
C ASP B 417 -19.03 -29.54 -0.84
N ARG B 418 -17.72 -29.57 -1.09
CA ARG B 418 -16.80 -29.68 0.04
C ARG B 418 -16.73 -28.35 0.85
N THR B 419 -16.95 -27.22 0.17
CA THR B 419 -16.93 -25.92 0.82
C THR B 419 -18.17 -25.18 0.41
N ALA B 420 -18.31 -23.94 0.90
CA ALA B 420 -19.40 -23.06 0.53
C ALA B 420 -19.04 -22.24 -0.73
N VAL B 421 -17.99 -22.65 -1.45
CA VAL B 421 -17.76 -22.15 -2.80
C VAL B 421 -18.17 -23.27 -3.80
N ALA B 422 -19.39 -23.10 -4.35
CA ALA B 422 -20.03 -24.19 -5.13
C ALA B 422 -19.57 -24.24 -6.55
N GLN B 423 -18.92 -23.16 -7.03
CA GLN B 423 -18.53 -23.03 -8.46
C GLN B 423 -17.09 -23.57 -8.65
N ARG B 424 -16.98 -24.88 -9.00
CA ARG B 424 -15.69 -25.55 -9.07
C ARG B 424 -15.46 -26.10 -10.46
N ASP B 425 -16.05 -25.46 -11.48
CA ASP B 425 -15.73 -25.87 -12.87
C ASP B 425 -15.69 -24.70 -13.86
N SER B 426 -15.52 -23.47 -13.35
CA SER B 426 -15.51 -22.31 -14.21
C SER B 426 -14.08 -22.08 -14.75
N ILE B 427 -14.00 -21.38 -15.86
CA ILE B 427 -12.68 -21.05 -16.48
C ILE B 427 -12.30 -19.59 -16.28
N LEU B 428 -13.30 -18.73 -16.03
CA LEU B 428 -13.02 -17.30 -15.88
C LEU B 428 -13.92 -16.72 -14.86
N LYS B 429 -13.41 -15.73 -14.13
CA LYS B 429 -14.32 -14.79 -13.45
C LYS B 429 -14.37 -13.50 -14.26
N ILE B 430 -15.56 -12.87 -14.30
CA ILE B 430 -15.74 -11.67 -15.07
C ILE B 430 -16.14 -10.56 -14.13
N VAL B 431 -15.52 -9.39 -14.30
CA VAL B 431 -15.87 -8.21 -13.53
C VAL B 431 -16.34 -7.17 -14.48
N TYR B 432 -17.47 -6.52 -14.17
CA TYR B 432 -18.03 -5.42 -14.95
C TYR B 432 -17.87 -4.22 -14.03
N VAL B 433 -17.16 -3.17 -14.45
CA VAL B 433 -17.03 -2.05 -13.53
C VAL B 433 -17.13 -0.73 -14.30
N THR B 434 -17.69 0.27 -13.62
CA THR B 434 -17.56 1.65 -14.09
C THR B 434 -17.19 2.53 -12.91
N THR B 435 -16.37 3.54 -13.18
N THR B 435 -16.33 3.52 -13.14
CA THR B 435 -15.82 4.44 -12.16
CA THR B 435 -15.89 4.43 -12.09
C THR B 435 -15.99 5.88 -12.59
C THR B 435 -15.97 5.87 -12.57
N TRP B 436 -16.24 6.77 -11.62
CA TRP B 436 -16.53 8.19 -11.92
C TRP B 436 -16.26 9.04 -10.65
N GLU B 437 -16.51 10.35 -10.70
CA GLU B 437 -16.14 11.22 -9.58
C GLU B 437 -17.32 11.93 -8.91
N ASP B 438 -18.24 12.42 -9.73
CA ASP B 438 -19.30 13.31 -9.26
C ASP B 438 -20.54 12.53 -8.78
N PRO B 439 -20.93 12.65 -7.48
CA PRO B 439 -22.12 11.88 -7.03
C PRO B 439 -23.40 12.26 -7.78
N ALA B 440 -23.46 13.48 -8.31
CA ALA B 440 -24.63 13.92 -9.10
C ALA B 440 -24.78 13.04 -10.35
N GLN B 441 -23.69 12.43 -10.79
CA GLN B 441 -23.79 11.54 -11.94
C GLN B 441 -24.02 10.06 -11.64
N ASP B 442 -24.25 9.68 -10.37
CA ASP B 442 -24.40 8.25 -9.99
C ASP B 442 -25.45 7.55 -10.89
N PRO B 443 -26.63 8.17 -11.08
CA PRO B 443 -27.69 7.50 -11.87
C PRO B 443 -27.21 7.06 -13.25
N VAL B 444 -26.39 7.88 -13.89
CA VAL B 444 -26.02 7.75 -15.28
C VAL B 444 -25.05 6.57 -15.36
N HIS B 445 -24.06 6.49 -14.46
CA HIS B 445 -23.06 5.41 -14.55
C HIS B 445 -23.68 4.08 -14.10
N VAL B 446 -24.49 4.15 -13.04
CA VAL B 446 -25.20 2.98 -12.57
C VAL B 446 -26.09 2.37 -13.68
N ARG B 447 -26.76 3.21 -14.48
CA ARG B 447 -27.65 2.72 -15.54
C ARG B 447 -26.83 2.05 -16.65
N TRP B 448 -25.70 2.68 -17.00
CA TRP B 448 -24.85 2.14 -18.04
C TRP B 448 -24.39 0.71 -17.70
N ILE B 449 -23.84 0.52 -16.50
CA ILE B 449 -23.34 -0.79 -16.14
C ILE B 449 -24.52 -1.77 -15.95
N ARG B 450 -25.67 -1.30 -15.47
CA ARG B 450 -26.84 -2.22 -15.35
C ARG B 450 -27.28 -2.70 -16.73
N GLU B 451 -27.36 -1.79 -17.70
CA GLU B 451 -27.86 -2.17 -19.06
C GLU B 451 -26.85 -3.01 -19.76
N LEU B 452 -25.56 -2.71 -19.58
CA LEU B 452 -24.50 -3.57 -20.17
C LEU B 452 -24.63 -5.04 -19.68
N TYR B 453 -24.71 -5.19 -18.36
CA TYR B 453 -24.73 -6.48 -17.73
C TYR B 453 -26.02 -7.25 -18.15
N ARG B 454 -27.15 -6.54 -18.14
CA ARG B 454 -28.43 -7.15 -18.47
C ARG B 454 -28.34 -7.66 -19.91
N ASP B 455 -27.79 -6.84 -20.81
CA ASP B 455 -27.77 -7.19 -22.23
C ASP B 455 -26.81 -8.34 -22.47
N VAL B 456 -25.68 -8.38 -21.77
CA VAL B 456 -24.77 -9.52 -21.96
C VAL B 456 -25.46 -10.83 -21.52
N TYR B 457 -26.26 -10.72 -20.47
CA TYR B 457 -27.03 -11.87 -19.92
C TYR B 457 -28.51 -11.92 -20.38
N ALA B 458 -28.83 -11.32 -21.50
CA ALA B 458 -30.23 -11.13 -21.93
C ALA B 458 -30.93 -12.49 -22.15
N ASP B 459 -30.17 -13.52 -22.52
CA ASP B 459 -30.79 -14.81 -22.92
C ASP B 459 -31.25 -15.51 -21.64
N THR B 460 -30.78 -15.05 -20.47
CA THR B 460 -31.15 -15.67 -19.20
C THR B 460 -31.55 -14.62 -18.17
N GLY B 461 -32.48 -13.76 -18.55
CA GLY B 461 -33.14 -12.91 -17.53
C GLY B 461 -32.25 -11.83 -17.01
N GLY B 462 -31.21 -11.47 -17.77
CA GLY B 462 -30.33 -10.36 -17.41
C GLY B 462 -29.29 -10.69 -16.35
N VAL B 463 -29.21 -11.98 -15.95
CA VAL B 463 -28.27 -12.42 -14.90
C VAL B 463 -27.49 -13.71 -15.33
N PRO B 464 -26.29 -13.95 -14.75
CA PRO B 464 -25.56 -15.18 -15.14
C PRO B 464 -26.13 -16.47 -14.43
N VAL B 465 -27.23 -17.00 -14.95
N VAL B 465 -27.26 -16.99 -14.92
CA VAL B 465 -27.91 -18.13 -14.32
CA VAL B 465 -27.90 -18.11 -14.20
C VAL B 465 -26.94 -19.33 -14.23
C VAL B 465 -26.94 -19.30 -14.19
N PRO B 466 -26.90 -20.01 -13.07
CA PRO B 466 -25.88 -21.08 -12.96
C PRO B 466 -26.14 -22.32 -13.79
N GLY B 467 -25.09 -23.08 -13.98
CA GLY B 467 -25.11 -24.38 -14.61
C GLY B 467 -25.16 -24.32 -16.13
N GLY B 468 -24.93 -23.15 -16.76
CA GLY B 468 -25.07 -23.05 -18.22
C GLY B 468 -23.77 -22.47 -18.75
N ALA B 469 -23.83 -21.51 -19.67
CA ALA B 469 -22.59 -20.81 -20.06
C ALA B 469 -21.99 -20.05 -18.88
N ALA B 470 -22.82 -19.66 -17.93
CA ALA B 470 -22.33 -19.00 -16.70
C ALA B 470 -22.53 -19.90 -15.49
N ASP B 471 -21.94 -19.51 -14.35
CA ASP B 471 -22.21 -20.24 -13.11
C ASP B 471 -22.59 -19.33 -11.93
N GLY B 472 -23.40 -18.29 -12.17
CA GLY B 472 -23.85 -17.41 -11.05
C GLY B 472 -22.78 -16.32 -10.85
N ALA B 473 -22.61 -15.86 -9.61
CA ALA B 473 -21.71 -14.74 -9.28
C ALA B 473 -20.97 -15.10 -7.98
N TYR B 474 -19.98 -14.29 -7.57
CA TYR B 474 -19.21 -14.67 -6.39
C TYR B 474 -19.34 -13.52 -5.38
N VAL B 475 -19.54 -13.92 -4.12
CA VAL B 475 -20.12 -13.04 -3.10
C VAL B 475 -19.11 -11.91 -2.67
N ASN B 476 -17.79 -12.07 -2.94
CA ASN B 476 -16.87 -10.94 -2.69
C ASN B 476 -17.04 -9.70 -3.56
N TYR B 477 -17.77 -9.82 -4.67
CA TYR B 477 -18.20 -8.72 -5.54
C TYR B 477 -19.71 -8.64 -5.53
N PRO B 478 -20.28 -8.36 -4.34
CA PRO B 478 -21.74 -8.40 -4.25
C PRO B 478 -22.44 -7.31 -5.10
N ASP B 479 -23.66 -7.61 -5.59
CA ASP B 479 -24.36 -6.68 -6.40
C ASP B 479 -25.80 -6.82 -6.04
N VAL B 480 -26.33 -5.85 -5.30
CA VAL B 480 -27.72 -6.01 -4.81
C VAL B 480 -28.75 -6.02 -5.94
N ASP B 481 -28.38 -5.62 -7.16
CA ASP B 481 -29.33 -5.71 -8.27
C ASP B 481 -29.73 -7.13 -8.58
N LEU B 482 -28.94 -8.12 -8.16
CA LEU B 482 -29.28 -9.53 -8.41
C LEU B 482 -30.47 -9.97 -7.60
N ALA B 483 -30.84 -9.18 -6.58
CA ALA B 483 -31.99 -9.47 -5.76
C ALA B 483 -33.14 -8.52 -6.15
N ASP B 484 -32.96 -7.72 -7.20
CA ASP B 484 -33.94 -6.75 -7.67
C ASP B 484 -34.74 -7.25 -8.91
N GLU B 485 -36.07 -7.41 -8.75
CA GLU B 485 -36.92 -7.98 -9.79
C GLU B 485 -36.92 -7.09 -11.04
N GLU B 486 -36.59 -5.82 -10.88
CA GLU B 486 -36.45 -4.94 -12.03
C GLU B 486 -35.26 -5.34 -12.94
N TRP B 487 -34.18 -5.92 -12.38
CA TRP B 487 -32.92 -6.20 -13.11
C TRP B 487 -32.73 -7.70 -13.29
N ASN B 488 -33.29 -8.47 -12.39
CA ASN B 488 -33.15 -9.91 -12.46
C ASN B 488 -34.52 -10.47 -12.84
N THR B 489 -34.70 -10.82 -14.11
CA THR B 489 -36.01 -11.32 -14.60
C THR B 489 -35.96 -12.85 -14.90
N SER B 490 -35.01 -13.55 -14.31
CA SER B 490 -34.77 -15.00 -14.61
C SER B 490 -35.58 -15.91 -13.76
N GLY B 491 -36.16 -15.40 -12.68
CA GLY B 491 -36.75 -16.27 -11.69
C GLY B 491 -35.82 -17.04 -10.77
N VAL B 492 -34.49 -16.93 -10.96
CA VAL B 492 -33.51 -17.54 -10.09
C VAL B 492 -33.15 -16.50 -9.03
N PRO B 493 -33.30 -16.83 -7.74
CA PRO B 493 -33.04 -15.78 -6.73
C PRO B 493 -31.55 -15.48 -6.56
N TRP B 494 -31.29 -14.30 -5.99
CA TRP B 494 -29.89 -13.86 -5.69
C TRP B 494 -29.14 -14.99 -4.99
N SER B 495 -29.79 -15.68 -4.05
CA SER B 495 -29.12 -16.71 -3.24
C SER B 495 -28.60 -17.90 -4.05
N GLU B 496 -29.36 -18.28 -5.09
CA GLU B 496 -28.92 -19.36 -5.95
C GLU B 496 -27.82 -18.87 -6.86
N LEU B 497 -27.89 -17.63 -7.28
CA LEU B 497 -26.77 -17.06 -8.11
C LEU B 497 -25.41 -17.11 -7.36
N TYR B 498 -25.39 -16.73 -6.05
CA TYR B 498 -24.14 -16.78 -5.31
C TYR B 498 -23.69 -18.15 -4.81
N TYR B 499 -24.67 -18.98 -4.41
CA TYR B 499 -24.37 -20.17 -3.61
C TYR B 499 -24.80 -21.48 -4.22
N LYS B 500 -25.64 -21.40 -5.28
CA LYS B 500 -26.24 -22.64 -5.86
C LYS B 500 -26.74 -23.55 -4.75
N ASP B 501 -26.38 -24.84 -4.76
CA ASP B 501 -26.99 -25.77 -3.79
C ASP B 501 -26.31 -25.72 -2.40
N ALA B 502 -25.31 -24.83 -2.21
CA ALA B 502 -24.80 -24.63 -0.85
C ALA B 502 -25.84 -23.84 0.01
N TYR B 503 -26.81 -23.18 -0.64
CA TYR B 503 -27.68 -22.24 0.06
C TYR B 503 -28.50 -22.90 1.20
N PRO B 504 -29.16 -24.05 0.94
CA PRO B 504 -29.83 -24.73 2.06
C PRO B 504 -28.96 -25.03 3.28
N ARG B 505 -27.72 -25.53 3.08
CA ARG B 505 -26.87 -25.77 4.20
C ARG B 505 -26.47 -24.44 4.90
N LEU B 506 -26.24 -23.38 4.12
CA LEU B 506 -26.00 -22.03 4.71
C LEU B 506 -27.18 -21.56 5.55
N GLN B 507 -28.40 -21.81 5.05
CA GLN B 507 -29.58 -21.48 5.82
C GLN B 507 -29.71 -22.25 7.12
N ALA B 508 -29.34 -23.54 7.13
CA ALA B 508 -29.32 -24.30 8.38
C ALA B 508 -28.34 -23.71 9.38
N VAL B 509 -27.15 -23.33 8.91
CA VAL B 509 -26.15 -22.75 9.81
C VAL B 509 -26.69 -21.42 10.36
N LYS B 510 -27.37 -20.63 9.51
CA LYS B 510 -27.92 -19.32 9.90
C LYS B 510 -28.96 -19.55 11.03
N ALA B 511 -29.85 -20.54 10.84
CA ALA B 511 -30.87 -20.80 11.84
C ALA B 511 -30.27 -21.26 13.12
N ARG B 512 -29.18 -22.03 13.04
CA ARG B 512 -28.60 -22.59 14.25
C ARG B 512 -27.76 -21.55 15.08
N TRP B 513 -27.02 -20.71 14.40
CA TRP B 513 -26.05 -19.84 15.04
C TRP B 513 -26.39 -18.36 15.06
N ASP B 514 -27.26 -17.87 14.18
CA ASP B 514 -27.77 -16.50 14.29
C ASP B 514 -29.29 -16.55 14.24
N PRO B 515 -29.90 -17.26 15.21
CA PRO B 515 -31.41 -17.42 15.11
C PRO B 515 -32.15 -16.07 15.22
N ARG B 516 -31.52 -15.05 15.85
CA ARG B 516 -32.19 -13.74 15.96
C ARG B 516 -32.01 -12.89 14.72
N ASN B 517 -31.22 -13.37 13.77
CA ASN B 517 -30.88 -12.57 12.57
C ASN B 517 -30.25 -11.20 12.91
N VAL B 518 -29.29 -11.23 13.83
CA VAL B 518 -28.51 -10.00 14.22
C VAL B 518 -27.69 -9.49 13.02
N PHE B 519 -27.08 -10.44 12.30
CA PHE B 519 -26.09 -10.08 11.25
C PHE B 519 -26.75 -10.15 9.94
N ARG B 520 -26.97 -9.00 9.32
CA ARG B 520 -27.78 -8.98 8.06
C ARG B 520 -27.48 -7.76 7.23
N HIS B 521 -27.84 -7.85 5.96
CA HIS B 521 -27.65 -6.75 5.01
C HIS B 521 -28.41 -7.08 3.71
N ALA B 522 -28.24 -6.29 2.67
CA ALA B 522 -29.07 -6.45 1.49
C ALA B 522 -28.89 -7.84 0.78
N LEU B 523 -27.81 -8.59 1.05
CA LEU B 523 -27.62 -9.91 0.40
C LEU B 523 -27.18 -10.94 1.45
N SER B 524 -27.74 -10.79 2.65
CA SER B 524 -27.41 -11.71 3.72
C SER B 524 -28.22 -13.05 3.62
N VAL B 525 -27.55 -14.14 3.97
CA VAL B 525 -28.23 -15.47 4.14
C VAL B 525 -29.48 -15.32 5.09
N ARG B 526 -30.66 -15.80 4.67
N ARG B 526 -30.64 -15.86 4.70
CA ARG B 526 -31.87 -15.69 5.47
CA ARG B 526 -31.80 -15.69 5.52
C ARG B 526 -32.51 -17.04 5.53
C ARG B 526 -32.54 -17.01 5.53
N VAL B 527 -33.06 -17.39 6.69
CA VAL B 527 -33.78 -18.66 6.84
C VAL B 527 -35.05 -18.62 6.01
N PRO B 528 -35.58 -19.80 5.71
CA PRO B 528 -36.80 -19.83 4.89
C PRO B 528 -37.96 -19.08 5.61
N PRO B 529 -38.90 -18.45 4.84
CA PRO B 529 -40.13 -17.86 5.45
C PRO B 529 -40.85 -18.92 6.32
N ALA B 530 -41.40 -18.50 7.47
CA ALA B 530 -42.09 -19.41 8.44
C ALA B 530 -43.60 -19.53 8.13
PA FAD C . 16.10 0.83 4.48
O1A FAD C . 16.56 0.69 3.07
O2A FAD C . 15.76 -0.51 5.19
O5B FAD C . 17.20 1.64 5.34
C5B FAD C . 17.72 2.84 4.77
C4B FAD C . 19.10 3.06 5.45
O4B FAD C . 18.96 3.08 6.92
C3B FAD C . 20.16 1.95 5.21
O3B FAD C . 21.44 2.50 5.57
C2B FAD C . 19.87 1.01 6.35
O2B FAD C . 20.86 0.06 6.75
C1B FAD C . 19.49 1.93 7.54
N9A FAD C . 18.55 1.29 8.49
C8A FAD C . 17.36 0.59 8.23
N7A FAD C . 16.90 0.16 9.44
C5A FAD C . 17.75 0.56 10.44
C6A FAD C . 17.74 0.38 11.83
N6A FAD C . 16.71 -0.36 12.43
N1A FAD C . 18.79 0.90 12.59
C2A FAD C . 19.78 1.61 12.01
N3A FAD C . 19.78 1.76 10.65
C4A FAD C . 18.75 1.30 9.85
N1 FAD C . 11.56 10.41 2.76
C2 FAD C . 10.96 11.50 3.28
O2 FAD C . 11.59 12.16 4.12
N3 FAD C . 9.67 11.88 2.98
C4 FAD C . 8.95 11.15 2.10
O4 FAD C . 7.75 11.48 1.82
C4X FAD C . 9.55 10.03 1.52
N5 FAD C . 8.86 9.27 0.60
C5X FAD C . 9.43 8.12 0.10
C6 FAD C . 8.73 7.32 -0.77
C7 FAD C . 9.24 6.17 -1.37
C7M FAD C . 8.38 5.32 -2.36
C8 FAD C . 10.51 5.80 -1.01
C8M FAD C . 11.11 4.58 -1.64
C9 FAD C . 11.27 6.58 -0.12
C9A FAD C . 10.76 7.77 0.41
N10 FAD C . 11.46 8.57 1.29
C10 FAD C . 10.88 9.67 1.84
C1' FAD C . 12.84 8.22 1.64
C2' FAD C . 13.02 7.42 2.91
O2' FAD C . 12.75 8.26 4.02
C3' FAD C . 14.41 6.83 2.99
O3' FAD C . 14.50 6.01 1.84
C4' FAD C . 14.55 6.06 4.31
O4' FAD C . 15.93 5.92 4.64
C5' FAD C . 13.95 4.70 4.06
O5' FAD C . 13.93 3.96 5.26
P FAD C . 13.66 2.35 5.20
O1P FAD C . 12.47 2.03 4.35
O2P FAD C . 13.74 1.69 6.52
O3P FAD C . 14.86 1.83 4.25
MG MG D . 6.03 -0.82 -1.94
C1 GOL E . 25.09 5.82 -7.40
O1 GOL E . 23.70 6.13 -7.27
C2 GOL E . 25.74 6.81 -8.38
O2 GOL E . 25.42 8.18 -8.10
C3 GOL E . 25.13 6.56 -9.75
O3 GOL E . 25.69 5.42 -10.39
CL CL F . 13.18 -6.44 21.72
CL CL G . 4.89 3.58 -0.72
C1 GOL H . 5.23 9.25 -7.93
O1 GOL H . 5.26 8.34 -6.80
C2 GOL H . 4.10 8.99 -8.95
O2 GOL H . 4.52 9.11 -10.36
C3 GOL H . 2.76 9.71 -8.59
O3 GOL H . 1.54 9.14 -9.13
C1 GOL I . 8.91 13.84 -5.77
O1 GOL I . 8.36 13.89 -4.46
C2 GOL I . 8.14 13.01 -6.84
O2 GOL I . 9.06 12.24 -7.56
C3 GOL I . 7.21 13.71 -7.86
O3 GOL I . 6.68 12.81 -8.88
C1 GOL J . 26.02 -11.24 22.06
O1 GOL J . 25.19 -12.31 22.44
C2 GOL J . 25.95 -10.08 23.04
O2 GOL J . 24.93 -10.34 24.02
C3 GOL J . 27.32 -9.85 23.68
O3 GOL J . 28.32 -9.62 22.71
C1 GOL K . 32.81 -6.67 11.26
O1 GOL K . 31.39 -6.51 11.30
C2 GOL K . 33.19 -5.87 9.99
O2 GOL K . 33.22 -4.47 10.21
C3 GOL K . 34.45 -6.28 9.28
O3 GOL K . 34.36 -5.70 7.98
C1 GOL L . 33.26 16.01 -0.58
O1 GOL L . 33.13 14.84 0.12
C2 GOL L . 34.11 15.86 -1.84
O2 GOL L . 33.22 15.53 -2.86
C3 GOL L . 34.73 17.20 -2.25
O3 GOL L . 34.12 18.24 -1.52
PA FAD M . -15.28 -5.01 4.77
O1A FAD M . -15.98 -3.90 4.11
O2A FAD M . -14.71 -4.69 6.20
O5B FAD M . -16.28 -6.27 4.97
C5B FAD M . -16.93 -6.76 3.79
C4B FAD M . -18.16 -7.49 4.35
O4B FAD M . -17.76 -8.53 5.23
C3B FAD M . -19.13 -6.61 5.19
O3B FAD M . -20.47 -7.22 5.08
C2B FAD M . -18.58 -6.80 6.61
O2B FAD M . -19.50 -6.45 7.67
C1B FAD M . -18.19 -8.27 6.57
N9A FAD M . -17.06 -8.49 7.54
C8A FAD M . -15.88 -7.72 7.69
N7A FAD M . -15.20 -8.26 8.70
C5A FAD M . -15.89 -9.32 9.20
C6A FAD M . -15.66 -10.24 10.25
N6A FAD M . -14.52 -10.11 11.04
N1A FAD M . -16.59 -11.21 10.54
C2A FAD M . -17.70 -11.30 9.77
N3A FAD M . -17.94 -10.44 8.79
C4A FAD M . -17.06 -9.44 8.47
N1 FAD M . -11.71 -9.88 -4.04
C2 FAD M . -11.08 -10.97 -4.59
O2 FAD M . -11.62 -12.09 -4.42
N3 FAD M . -9.90 -10.90 -5.28
C4 FAD M . -9.28 -9.71 -5.43
O4 FAD M . -8.17 -9.61 -6.05
C4X FAD M . -9.87 -8.55 -4.91
N5 FAD M . -9.24 -7.33 -5.06
C5X FAD M . -9.87 -6.23 -4.48
C6 FAD M . -9.26 -4.99 -4.56
C7 FAD M . -9.78 -3.80 -4.03
C7M FAD M . -9.02 -2.47 -4.21
C8 FAD M . -10.98 -3.92 -3.33
C8M FAD M . -11.55 -2.64 -2.81
C9 FAD M . -11.67 -5.17 -3.24
C9A FAD M . -11.12 -6.32 -3.81
N10 FAD M . -11.71 -7.56 -3.72
C10 FAD M . -11.11 -8.66 -4.22
C1' FAD M . -12.98 -7.74 -3.02
C2' FAD M . -12.85 -8.01 -1.54
O2' FAD M . -12.54 -9.39 -1.47
C3' FAD M . -14.22 -7.82 -0.85
O3' FAD M . -14.56 -6.42 -0.98
C4' FAD M . -14.09 -8.26 0.61
O4' FAD M . -15.38 -8.56 1.22
C5' FAD M . -13.42 -7.13 1.41
O5' FAD M . -13.25 -7.55 2.77
P FAD M . -12.84 -6.39 3.81
O1P FAD M . -11.83 -5.48 3.22
O2P FAD M . -12.52 -6.98 5.18
O3P FAD M . -14.17 -5.48 3.70
MG MG N . -6.17 1.57 0.13
C1 GOL O . -26.80 0.92 -7.50
O1 GOL O . -27.26 2.10 -6.92
C2 GOL O . -27.23 -0.31 -6.68
O2 GOL O . -26.93 -1.46 -7.46
C3 GOL O . -26.41 -0.34 -5.38
O3 GOL O . -25.00 -0.44 -5.54
C1 GOL P . -31.08 -4.76 15.60
O1 GOL P . -32.29 -4.68 14.83
C2 GOL P . -30.92 -6.17 16.18
O2 GOL P . -30.71 -7.12 15.13
C3 GOL P . -29.91 -6.30 17.32
O3 GOL P . -28.58 -5.91 16.92
#